data_7YI1
#
_entry.id   7YI1
#
_cell.length_a   1.00
_cell.length_b   1.00
_cell.length_c   1.00
_cell.angle_alpha   90.00
_cell.angle_beta   90.00
_cell.angle_gamma   90.00
#
_symmetry.space_group_name_H-M   'P 1'
#
loop_
_entity.id
_entity.type
_entity.pdbx_description
1 polymer 'Histone H4'
2 polymer 'Histone H2A'
3 polymer 'Histone H2B 1.1'
4 polymer 'Wisdom 601 DNA (167-MER)'
5 polymer 'Wisdom 601 DNA (167-MER)'
6 polymer 'Chromatin modification-related protein EAF3'
7 polymer 'Histone H3'
#
loop_
_entity_poly.entity_id
_entity_poly.type
_entity_poly.pdbx_seq_one_letter_code
_entity_poly.pdbx_strand_id
1 'polypeptide(L)'
;SGRGKGGKGLGKGGAKRHRKVLRDNIQGITKPAIRRLARRGGVKRISGLIYEETRGVLKVFLENVIRDAVTYTEHAKRKT
VTAMDVVYALKRQGRTLYGFGG
;
B,F
2 'polypeptide(L)'
;SGRGKQGGKTRAKAKTRSSRAGLQFPVGRVHRLLRKGNYAERVGAGAPVYLAAVLEYLTAEILELAGNAARDNKKTRIIP
RHLQLAVRNDEELNKLLGRVTIAQGGVLPNIQSVLLPKKTESSKSAKSK
;
C,G
3 'polypeptide(L)'
;AKSAPAPKKGSKKAVTKTQKKDGKKRRKTRKESYAIYVYKVLKQVHPDTGISSKAMSIMNSFVNDVFERIAGEASRLAHY
NKRSTITSREIQTAVRLLLPGELAKHAVSEGTKAVTKYTSAK
;
D,H
4 'polydeoxyribonucleotide'
;(DC)(DT)(DG)(DG)(DA)(DG)(DA)(DA)(DT)(DC)(DC)(DC)(DG)(DG)(DT)(DC)(DT)(DG)(DC)(DA)
(DG)(DG)(DC)(DC)(DG)(DC)(DT)(DC)(DA)(DA)(DT)(DT)(DG)(DG)(DT)(DC)(DG)(DT)(DA)(DG)
(DA)(DC)(DA)(DG)(DC)(DT)(DC)(DT)(DA)(DG)(DC)(DA)(DC)(DC)(DG)(DC)(DT)(DT)(DA)(DA)
(DA)(DC)(DG)(DC)(DA)(DC)(DG)(DT)(DA)(DC)(DG)(DC)(DG)(DC)(DT)(DG)(DT)(DC)(DC)(DC)
(DC)(DC)(DG)(DC)(DG)(DT)(DT)(DT)(DT)(DA)(DA)(DC)(DC)(DG)(DC)(DC)(DA)(DA)(DG)(DG)
(DG)(DG)(DA)(DT)(DT)(DA)(DC)(DT)(DC)(DC)(DC)(DT)(DA)(DG)(DT)(DC)(DT)(DC)(DC)(DA)
(DG)(DG)(DC)(DA)(DC)(DG)(DT)(DG)(DT)(DC)(DA)(DG)(DA)(DT)(DA)(DT)(DA)(DT)(DA)(DC)
(DA)(DT)(DC)(DC)(DT)(DG)(DT)(DG)(DC)(DA)(DT)(DG)(DT)(DA)(DT)(DT)(DG)(DA)(DA)(DC)
(DA)(DG)(DC)(DG)(DA)(DC)(DC)
;
I
5 'polydeoxyribonucleotide'
;(DG)(DG)(DT)(DC)(DG)(DC)(DT)(DG)(DT)(DT)(DC)(DA)(DA)(DT)(DA)(DC)(DA)(DT)(DG)(DC)
(DA)(DC)(DA)(DG)(DG)(DA)(DT)(DG)(DT)(DA)(DT)(DA)(DT)(DA)(DT)(DC)(DT)(DG)(DA)(DC)
(DA)(DC)(DG)(DT)(DG)(DC)(DC)(DT)(DG)(DG)(DA)(DG)(DA)(DC)(DT)(DA)(DG)(DG)(DG)(DA)
(DG)(DT)(DA)(DA)(DT)(DC)(DC)(DC)(DC)(DT)(DT)(DG)(DG)(DC)(DG)(DG)(DT)(DT)(DA)(DA)
(DA)(DA)(DC)(DG)(DC)(DG)(DG)(DG)(DG)(DG)(DA)(DC)(DA)(DG)(DC)(DG)(DC)(DG)(DT)(DA)
(DC)(DG)(DT)(DG)(DC)(DG)(DT)(DT)(DT)(DA)(DA)(DG)(DC)(DG)(DG)(DT)(DG)(DC)(DT)(DA)
(DG)(DA)(DG)(DC)(DT)(DG)(DT)(DC)(DT)(DA)(DC)(DG)(DA)(DC)(DC)(DA)(DA)(DT)(DT)(DG)
(DA)(DG)(DC)(DG)(DG)(DC)(DC)(DT)(DG)(DC)(DA)(DG)(DA)(DC)(DC)(DG)(DG)(DG)(DA)(DT)
(DT)(DC)(DT)(DC)(DC)(DA)(DG)
;
J
6 'polypeptide(L)'
;MVDLEQEFALGGRCLAFHGPLMYEAKILKIWDPSSKMYTSIPNDKPGGSSQATKEIKPQKLGEDESIPEEIINGKCFFIH
YQGWKSSWDEWVGYDRIRAYNEENIAMKKRLANEAKEAKKSLLEQQKKKKLSTSLGGPSNGGKRKGDSRSNASISKSTSQ
SFLTSSVSGRKSGRSSANSLHPGSSLRSSSDQNGNDDRRRSSSLSPNMLHHIAGYPTPKISLQIPIKLKSVLVDDWEYVT
KDKKICRLPADVTVEMVLNKYEHEVSQELESPGSQSQLSEYCAGLKLYFDKCLGNMLLYRLERLQYDELLKKSSKDQKPL
VPIRIYGAIHLLRLISVLPELISSTTMDLQSCQLLIKQTEDFLVWLLMHVDEYFNDKDPNRSDDALYVNTSSQYEGVALG
M
;
K,L
7 'polypeptide(L)'
;ARTKQTARKSTGGKAPRKQLATKAARKSAPATGGV(M3L)KPHRYRPGTVALREIRRYQKSTELLIRKLPFQRLVREIAQ
DFKTDLRFQSSAVMALQEASEAYLVALFEDTNLCAIHAKRVTIMPKDIQLARRIRGERA
;
A,E
#
loop_
_chem_comp.id
_chem_comp.type
_chem_comp.name
_chem_comp.formula
DA DNA linking 2'-DEOXYADENOSINE-5'-MONOPHOSPHATE 'C10 H14 N5 O6 P'
DC DNA linking 2'-DEOXYCYTIDINE-5'-MONOPHOSPHATE 'C9 H14 N3 O7 P'
DG DNA linking 2'-DEOXYGUANOSINE-5'-MONOPHOSPHATE 'C10 H14 N5 O7 P'
DT DNA linking THYMIDINE-5'-MONOPHOSPHATE 'C10 H15 N2 O8 P'
#
# COMPACT_ATOMS: atom_id res chain seq x y z
N ARG A 23 25.67 11.47 20.85
CA ARG A 23 24.24 11.74 20.87
C ARG A 23 23.63 11.64 19.48
N ASP A 24 24.46 11.84 18.46
CA ASP A 24 24.01 11.70 17.07
C ASP A 24 24.10 10.23 16.67
N ASN A 25 23.17 9.45 17.20
CA ASN A 25 23.16 8.01 16.95
C ASN A 25 22.54 7.66 15.60
N ILE A 26 21.78 8.57 14.99
CA ILE A 26 21.25 8.31 13.66
C ILE A 26 22.36 8.35 12.63
N GLN A 27 23.47 9.05 12.92
CA GLN A 27 24.64 9.01 12.06
C GLN A 27 25.41 7.70 12.19
N GLY A 28 25.13 6.90 13.21
CA GLY A 28 25.71 5.57 13.29
C GLY A 28 25.21 4.61 12.25
N ILE A 29 24.05 4.90 11.67
CA ILE A 29 23.56 4.17 10.49
C ILE A 29 24.28 4.74 9.29
N THR A 30 25.43 4.17 8.97
CA THR A 30 26.37 4.82 8.06
C THR A 30 25.95 4.63 6.60
N LYS A 31 26.67 5.33 5.72
CA LYS A 31 26.43 5.21 4.29
C LYS A 31 26.66 3.80 3.76
N PRO A 32 27.72 3.07 4.12
CA PRO A 32 27.86 1.70 3.62
C PRO A 32 26.71 0.78 4.00
N ALA A 33 26.12 0.95 5.20
CA ALA A 33 25.02 0.09 5.60
C ALA A 33 23.77 0.35 4.78
N ILE A 34 23.46 1.63 4.55
CA ILE A 34 22.34 1.98 3.68
C ILE A 34 22.59 1.46 2.27
N ARG A 35 23.85 1.52 1.83
CA ARG A 35 24.20 0.98 0.52
C ARG A 35 23.96 -0.52 0.45
N ARG A 36 24.31 -1.24 1.52
CA ARG A 36 24.07 -2.68 1.56
C ARG A 36 22.59 -3.00 1.54
N LEU A 37 21.78 -2.24 2.28
CA LEU A 37 20.34 -2.43 2.25
C LEU A 37 19.79 -2.19 0.85
N ALA A 38 20.27 -1.15 0.17
CA ALA A 38 19.83 -0.88 -1.19
C ALA A 38 20.25 -1.99 -2.14
N ARG A 39 21.46 -2.53 -1.95
CA ARG A 39 21.91 -3.64 -2.80
C ARG A 39 21.03 -4.86 -2.62
N ARG A 40 20.68 -5.19 -1.37
CA ARG A 40 19.74 -6.28 -1.15
C ARG A 40 18.37 -5.97 -1.74
N GLY A 41 18.00 -4.69 -1.79
CA GLY A 41 16.77 -4.29 -2.43
C GLY A 41 16.81 -4.25 -3.95
N GLY A 42 17.96 -4.53 -4.55
CA GLY A 42 18.07 -4.53 -6.00
C GLY A 42 18.30 -3.18 -6.63
N VAL A 43 18.94 -2.25 -5.92
CA VAL A 43 19.20 -0.90 -6.41
C VAL A 43 20.63 -0.82 -6.89
N LYS A 44 20.81 -0.36 -8.13
CA LYS A 44 22.12 -0.32 -8.77
C LYS A 44 22.86 1.00 -8.53
N ARG A 45 22.16 2.13 -8.58
CA ARG A 45 22.79 3.44 -8.50
C ARG A 45 22.03 4.29 -7.50
N ILE A 46 22.77 4.98 -6.63
CA ILE A 46 22.21 5.66 -5.46
C ILE A 46 22.63 7.12 -5.48
N SER A 47 21.67 8.03 -5.44
CA SER A 47 21.96 9.45 -5.31
C SER A 47 22.62 9.74 -3.96
N GLY A 48 23.33 10.87 -3.92
CA GLY A 48 23.99 11.27 -2.69
C GLY A 48 23.04 11.75 -1.60
N LEU A 49 21.86 12.22 -1.98
CA LEU A 49 20.88 12.72 -1.02
C LEU A 49 20.03 11.61 -0.41
N ILE A 50 20.20 10.37 -0.87
CA ILE A 50 19.36 9.27 -0.38
C ILE A 50 19.62 9.00 1.10
N TYR A 51 20.89 8.94 1.50
CA TYR A 51 21.25 8.40 2.81
C TYR A 51 20.54 9.15 3.93
N GLU A 52 20.69 10.47 3.96
CA GLU A 52 20.00 11.27 4.97
C GLU A 52 18.51 10.99 4.94
N GLU A 53 17.91 11.04 3.75
CA GLU A 53 16.49 10.73 3.62
C GLU A 53 16.19 9.38 4.25
N THR A 54 16.97 8.35 3.90
CA THR A 54 16.74 7.03 4.45
C THR A 54 16.71 7.08 5.97
N ARG A 55 17.70 7.75 6.57
CA ARG A 55 17.74 7.85 8.02
C ARG A 55 16.41 8.35 8.57
N GLY A 56 15.91 9.45 8.00
CA GLY A 56 14.66 10.01 8.44
C GLY A 56 13.58 8.95 8.46
N VAL A 57 13.41 8.27 7.32
CA VAL A 57 12.37 7.25 7.23
C VAL A 57 12.54 6.22 8.33
N LEU A 58 13.77 5.70 8.47
CA LEU A 58 14.04 4.70 9.49
C LEU A 58 13.61 5.22 10.85
N LYS A 59 14.03 6.43 11.19
CA LYS A 59 13.72 6.98 12.50
C LYS A 59 12.21 6.96 12.72
N VAL A 60 11.45 7.44 11.73
CA VAL A 60 10.00 7.49 11.90
C VAL A 60 9.48 6.09 12.20
N PHE A 61 9.89 5.11 11.39
CA PHE A 61 9.43 3.74 11.60
C PHE A 61 9.74 3.32 13.03
N LEU A 62 10.99 3.53 13.47
CA LEU A 62 11.37 3.08 14.80
C LEU A 62 10.46 3.71 15.85
N GLU A 63 10.23 5.02 15.74
CA GLU A 63 9.34 5.68 16.69
C GLU A 63 8.00 4.96 16.74
N ASN A 64 7.38 4.77 15.58
CA ASN A 64 6.05 4.19 15.53
C ASN A 64 6.03 2.82 16.20
N VAL A 65 7.13 2.09 16.12
CA VAL A 65 7.16 0.79 16.79
C VAL A 65 7.46 0.97 18.26
N ILE A 66 8.52 1.72 18.58
CA ILE A 66 9.05 1.73 19.93
C ILE A 66 7.99 2.26 20.90
N ARG A 67 7.36 3.37 20.54
CA ARG A 67 6.24 3.91 21.28
C ARG A 67 5.29 2.79 21.70
N ASP A 68 4.74 2.09 20.71
CA ASP A 68 3.75 1.06 21.02
C ASP A 68 4.34 0.00 21.93
N ALA A 69 5.58 -0.42 21.64
CA ALA A 69 6.23 -1.40 22.50
C ALA A 69 6.26 -0.92 23.94
N VAL A 70 6.71 0.32 24.15
CA VAL A 70 6.79 0.85 25.51
C VAL A 70 5.41 0.87 26.14
N THR A 71 4.37 1.16 25.36
CA THR A 71 3.02 1.13 25.89
C THR A 71 2.73 -0.21 26.54
N TYR A 72 3.00 -1.31 25.83
CA TYR A 72 2.81 -2.63 26.43
C TYR A 72 3.67 -2.78 27.67
N THR A 73 4.93 -2.35 27.59
CA THR A 73 5.83 -2.44 28.73
C THR A 73 5.27 -1.70 29.93
N GLU A 74 4.54 -0.62 29.71
CA GLU A 74 3.97 0.13 30.82
C GLU A 74 2.65 -0.43 31.30
N HIS A 75 1.94 -1.20 30.46
CA HIS A 75 0.69 -1.79 30.93
C HIS A 75 0.95 -2.95 31.87
N ALA A 76 1.98 -3.76 31.57
CA ALA A 76 2.36 -4.89 32.40
C ALA A 76 3.08 -4.49 33.68
N LYS A 77 3.22 -3.18 33.93
CA LYS A 77 3.97 -2.66 35.09
C LYS A 77 5.41 -3.18 35.11
N ARG A 78 5.99 -3.29 33.92
CA ARG A 78 7.38 -3.71 33.78
C ARG A 78 8.26 -2.51 33.46
N LYS A 79 9.56 -2.68 33.70
CA LYS A 79 10.55 -1.69 33.32
C LYS A 79 11.48 -2.19 32.22
N THR A 80 11.47 -3.48 31.92
CA THR A 80 12.29 -4.06 30.87
C THR A 80 11.41 -4.37 29.66
N VAL A 81 11.81 -3.86 28.51
CA VAL A 81 11.11 -4.15 27.26
C VAL A 81 11.50 -5.54 26.78
N THR A 82 10.51 -6.39 26.53
CA THR A 82 10.72 -7.76 26.14
C THR A 82 10.47 -7.94 24.65
N ALA A 83 10.91 -9.08 24.13
CA ALA A 83 10.72 -9.38 22.72
C ALA A 83 9.24 -9.47 22.35
N MET A 84 8.40 -9.93 23.28
CA MET A 84 6.98 -10.06 22.97
C MET A 84 6.31 -8.70 22.83
N ASP A 85 6.79 -7.69 23.55
CA ASP A 85 6.24 -6.34 23.37
C ASP A 85 6.51 -5.84 21.96
N VAL A 86 7.73 -6.03 21.47
CA VAL A 86 8.09 -5.65 20.11
C VAL A 86 7.25 -6.44 19.11
N VAL A 87 7.07 -7.73 19.36
CA VAL A 87 6.29 -8.57 18.45
C VAL A 87 4.84 -8.08 18.39
N TYR A 88 4.27 -7.73 19.54
CA TYR A 88 2.89 -7.25 19.58
C TYR A 88 2.76 -5.91 18.88
N ALA A 89 3.70 -4.99 19.10
CA ALA A 89 3.65 -3.71 18.41
C ALA A 89 3.74 -3.89 16.89
N LEU A 90 4.64 -4.75 16.44
CA LEU A 90 4.76 -5.02 15.02
C LEU A 90 3.49 -5.66 14.46
N LYS A 91 2.90 -6.58 15.21
CA LYS A 91 1.66 -7.22 14.76
C LYS A 91 0.53 -6.22 14.65
N ARG A 92 0.42 -5.30 15.61
CA ARG A 92 -0.68 -4.33 15.56
C ARG A 92 -0.43 -3.21 14.58
N GLN A 93 0.81 -3.03 14.10
CA GLN A 93 1.08 -2.09 13.03
C GLN A 93 1.05 -2.73 11.65
N GLY A 94 0.61 -3.99 11.56
CA GLY A 94 0.49 -4.66 10.29
C GLY A 94 1.73 -5.37 9.79
N ARG A 95 2.75 -5.52 10.63
CA ARG A 95 4.01 -6.15 10.24
C ARG A 95 4.24 -7.35 11.14
N THR A 96 3.65 -8.49 10.79
CA THR A 96 3.82 -9.69 11.59
C THR A 96 5.23 -10.24 11.42
N LEU A 97 5.84 -10.64 12.53
CA LEU A 97 7.21 -11.14 12.55
C LEU A 97 7.23 -12.53 13.15
N TYR A 98 7.92 -13.46 12.47
CA TYR A 98 8.10 -14.82 12.95
C TYR A 98 9.53 -15.03 13.42
N GLY A 99 9.69 -15.93 14.38
CA GLY A 99 11.00 -16.30 14.86
C GLY A 99 11.41 -15.69 16.17
N PHE A 100 10.51 -14.99 16.87
CA PHE A 100 10.83 -14.39 18.16
C PHE A 100 9.78 -14.69 19.21
N GLY A 101 8.83 -15.57 18.93
CA GLY A 101 7.78 -15.89 19.88
C GLY A 101 6.44 -15.29 19.49
N ALA B 12 -34.10 4.19 47.19
CA ALA B 12 -33.96 5.45 46.47
C ALA B 12 -34.41 5.28 45.01
N LYS B 13 -34.73 6.40 44.37
CA LYS B 13 -35.16 6.35 42.97
C LYS B 13 -33.97 6.03 42.06
N ALA B 14 -34.28 5.40 40.93
CA ALA B 14 -33.24 4.97 40.01
C ALA B 14 -32.50 6.17 39.42
N LYS B 15 -31.17 6.09 39.44
CA LYS B 15 -30.30 7.12 38.88
C LYS B 15 -29.33 6.45 37.91
N THR B 16 -29.41 6.84 36.64
CA THR B 16 -28.59 6.20 35.61
C THR B 16 -27.11 6.47 35.85
N ARG B 17 -26.28 5.52 35.43
CA ARG B 17 -24.84 5.68 35.58
C ARG B 17 -24.29 6.78 34.68
N SER B 18 -24.95 7.02 33.54
CA SER B 18 -24.54 8.13 32.67
C SER B 18 -24.64 9.46 33.41
N SER B 19 -25.75 9.68 34.12
CA SER B 19 -25.90 10.90 34.90
C SER B 19 -24.95 10.91 36.09
N ARG B 20 -24.63 9.75 36.65
CA ARG B 20 -23.65 9.68 37.73
C ARG B 20 -22.28 10.15 37.25
N ALA B 21 -21.89 9.76 36.04
CA ALA B 21 -20.60 10.14 35.46
C ALA B 21 -20.67 11.41 34.63
N GLY B 22 -21.84 12.01 34.47
CA GLY B 22 -21.96 13.24 33.71
C GLY B 22 -21.75 13.07 32.21
N LEU B 23 -22.26 12.00 31.62
CA LEU B 23 -22.06 11.70 30.21
C LEU B 23 -23.41 11.62 29.50
N GLN B 24 -23.36 11.82 28.18
CA GLN B 24 -24.55 11.67 27.35
C GLN B 24 -24.72 10.27 26.79
N PHE B 25 -23.63 9.51 26.67
CA PHE B 25 -23.68 8.17 26.13
C PHE B 25 -24.08 7.16 27.21
N PRO B 26 -24.78 6.08 26.83
CA PRO B 26 -25.32 5.15 27.84
C PRO B 26 -24.24 4.24 28.41
N VAL B 27 -23.95 4.42 29.70
CA VAL B 27 -22.98 3.56 30.37
C VAL B 27 -23.51 2.14 30.49
N GLY B 28 -24.81 1.99 30.77
CA GLY B 28 -25.37 0.65 30.94
C GLY B 28 -25.37 -0.15 29.66
N ARG B 29 -25.73 0.48 28.53
CA ARG B 29 -25.69 -0.22 27.26
C ARG B 29 -24.27 -0.61 26.88
N VAL B 30 -23.30 0.28 27.15
CA VAL B 30 -21.90 -0.04 26.90
C VAL B 30 -21.47 -1.23 27.74
N HIS B 31 -21.91 -1.27 29.01
CA HIS B 31 -21.58 -2.39 29.87
C HIS B 31 -22.17 -3.70 29.35
N ARG B 32 -23.43 -3.65 28.91
CA ARG B 32 -24.05 -4.85 28.36
C ARG B 32 -23.33 -5.33 27.11
N LEU B 33 -22.98 -4.40 26.21
CA LEU B 33 -22.28 -4.78 24.99
C LEU B 33 -20.88 -5.33 25.29
N LEU B 34 -20.21 -4.81 26.31
CA LEU B 34 -18.92 -5.36 26.70
C LEU B 34 -19.08 -6.76 27.26
N ARG B 35 -20.13 -7.01 28.02
CA ARG B 35 -20.34 -8.34 28.58
C ARG B 35 -20.75 -9.35 27.51
N LYS B 36 -21.49 -8.92 26.50
CA LYS B 36 -22.04 -9.84 25.50
C LYS B 36 -21.09 -10.11 24.34
N GLY B 37 -19.96 -9.43 24.24
CA GLY B 37 -19.09 -9.52 23.09
C GLY B 37 -18.00 -10.56 23.15
N ASN B 38 -17.96 -11.39 24.18
CA ASN B 38 -16.90 -12.39 24.36
C ASN B 38 -15.52 -11.74 24.33
N TYR B 39 -15.41 -10.59 24.99
CA TYR B 39 -14.12 -9.90 25.09
C TYR B 39 -13.30 -10.43 26.26
N ALA B 40 -13.93 -10.67 27.40
CA ALA B 40 -13.26 -11.25 28.55
C ALA B 40 -14.30 -11.95 29.41
N GLU B 41 -13.83 -12.71 30.40
CA GLU B 41 -14.73 -13.42 31.29
C GLU B 41 -15.55 -12.44 32.13
N ARG B 42 -14.91 -11.39 32.64
CA ARG B 42 -15.58 -10.41 33.49
C ARG B 42 -15.19 -9.01 33.04
N VAL B 43 -16.00 -8.04 33.47
CA VAL B 43 -15.83 -6.64 33.11
C VAL B 43 -15.82 -5.79 34.37
N GLY B 44 -14.81 -4.94 34.51
CA GLY B 44 -14.74 -4.06 35.66
C GLY B 44 -15.85 -3.02 35.66
N ALA B 45 -15.97 -2.34 36.80
CA ALA B 45 -17.03 -1.35 36.97
C ALA B 45 -16.73 -0.04 36.26
N GLY B 46 -15.47 0.35 36.18
CA GLY B 46 -15.09 1.59 35.54
C GLY B 46 -14.78 1.51 34.07
N ALA B 47 -14.84 0.33 33.46
CA ALA B 47 -14.52 0.19 32.05
C ALA B 47 -15.62 0.75 31.15
N PRO B 48 -16.90 0.45 31.38
CA PRO B 48 -17.94 1.08 30.54
C PRO B 48 -17.98 2.58 30.66
N VAL B 49 -17.70 3.14 31.85
CA VAL B 49 -17.68 4.59 32.01
C VAL B 49 -16.57 5.20 31.16
N TYR B 50 -15.38 4.62 31.24
CA TYR B 50 -14.25 5.10 30.45
C TYR B 50 -14.56 5.01 28.96
N LEU B 51 -15.08 3.87 28.51
CA LEU B 51 -15.34 3.68 27.10
C LEU B 51 -16.42 4.64 26.60
N ALA B 52 -17.46 4.86 27.39
CA ALA B 52 -18.52 5.79 27.00
C ALA B 52 -17.98 7.22 26.94
N ALA B 53 -17.11 7.59 27.88
CA ALA B 53 -16.51 8.92 27.84
C ALA B 53 -15.67 9.11 26.57
N VAL B 54 -14.88 8.09 26.21
CA VAL B 54 -14.04 8.20 25.02
C VAL B 54 -14.89 8.31 23.76
N LEU B 55 -15.92 7.46 23.66
CA LEU B 55 -16.81 7.52 22.50
C LEU B 55 -17.51 8.86 22.41
N GLU B 56 -17.96 9.40 23.54
CA GLU B 56 -18.61 10.70 23.54
C GLU B 56 -17.67 11.79 23.09
N TYR B 57 -16.41 11.77 23.57
CA TYR B 57 -15.45 12.78 23.15
C TYR B 57 -15.19 12.72 21.65
N LEU B 58 -15.02 11.51 21.10
CA LEU B 58 -14.76 11.40 19.66
C LEU B 58 -15.95 11.85 18.84
N THR B 59 -17.16 11.46 19.26
CA THR B 59 -18.37 11.93 18.60
C THR B 59 -18.46 13.45 18.64
N ALA B 60 -18.12 14.05 19.79
CA ALA B 60 -18.17 15.51 19.90
C ALA B 60 -17.17 16.18 18.96
N GLU B 61 -15.97 15.63 18.87
CA GLU B 61 -14.96 16.20 17.96
C GLU B 61 -15.45 16.17 16.53
N ILE B 62 -15.90 15.00 16.06
CA ILE B 62 -16.33 14.91 14.67
C ILE B 62 -17.55 15.77 14.41
N LEU B 63 -18.48 15.83 15.37
CA LEU B 63 -19.68 16.63 15.17
C LEU B 63 -19.37 18.12 15.14
N GLU B 64 -18.42 18.58 15.96
CA GLU B 64 -18.04 19.99 15.93
C GLU B 64 -17.39 20.35 14.59
N LEU B 65 -16.47 19.51 14.12
CA LEU B 65 -15.84 19.80 12.84
C LEU B 65 -16.85 19.75 11.69
N ALA B 66 -17.77 18.79 11.73
CA ALA B 66 -18.79 18.70 10.69
C ALA B 66 -19.75 19.90 10.74
N GLY B 67 -20.06 20.39 11.93
CA GLY B 67 -20.91 21.57 12.03
C GLY B 67 -20.22 22.82 11.50
N ASN B 68 -18.92 22.96 11.78
CA ASN B 68 -18.17 24.05 11.17
C ASN B 68 -18.20 23.94 9.65
N ALA B 69 -17.96 22.74 9.12
CA ALA B 69 -17.96 22.55 7.68
C ALA B 69 -19.34 22.75 7.06
N ALA B 70 -20.41 22.52 7.81
CA ALA B 70 -21.75 22.75 7.31
C ALA B 70 -22.11 24.22 7.32
N ARG B 71 -21.68 24.94 8.36
CA ARG B 71 -21.93 26.38 8.41
C ARG B 71 -21.10 27.13 7.37
N ASP B 72 -19.91 26.62 7.05
CA ASP B 72 -19.11 27.23 5.99
C ASP B 72 -19.81 27.14 4.65
N ASN B 73 -20.49 26.03 4.38
CA ASN B 73 -21.22 25.84 3.13
C ASN B 73 -22.61 26.47 3.18
N LYS B 74 -22.98 27.07 4.32
CA LYS B 74 -24.23 27.79 4.49
C LYS B 74 -25.43 26.84 4.46
N LYS B 75 -25.40 25.87 5.38
CA LYS B 75 -26.53 24.98 5.61
C LYS B 75 -26.66 24.71 7.10
N THR B 76 -27.86 24.31 7.51
CA THR B 76 -28.17 24.07 8.92
C THR B 76 -28.22 22.59 9.27
N ARG B 77 -27.95 21.70 8.33
CA ARG B 77 -27.92 20.27 8.60
C ARG B 77 -26.59 19.68 8.14
N ILE B 78 -26.10 18.70 8.89
CA ILE B 78 -24.90 17.98 8.50
C ILE B 78 -25.29 16.84 7.57
N ILE B 79 -24.65 16.79 6.41
CA ILE B 79 -24.85 15.70 5.44
C ILE B 79 -23.55 14.91 5.38
N PRO B 80 -23.51 13.74 4.73
CA PRO B 80 -22.24 12.99 4.66
C PRO B 80 -21.10 13.77 4.04
N ARG B 81 -21.39 14.72 3.14
CA ARG B 81 -20.33 15.54 2.57
C ARG B 81 -19.61 16.35 3.63
N HIS B 82 -20.35 16.93 4.57
CA HIS B 82 -19.73 17.71 5.64
C HIS B 82 -18.91 16.83 6.56
N LEU B 83 -19.37 15.62 6.85
CA LEU B 83 -18.58 14.69 7.64
C LEU B 83 -17.29 14.33 6.93
N GLN B 84 -17.36 14.06 5.63
CA GLN B 84 -16.16 13.75 4.87
C GLN B 84 -15.18 14.93 4.87
N LEU B 85 -15.68 16.15 4.67
CA LEU B 85 -14.81 17.31 4.70
C LEU B 85 -14.14 17.47 6.05
N ALA B 86 -14.92 17.34 7.13
CA ALA B 86 -14.38 17.46 8.47
C ALA B 86 -13.30 16.42 8.74
N VAL B 87 -13.56 15.17 8.36
CA VAL B 87 -12.59 14.11 8.63
C VAL B 87 -11.33 14.30 7.82
N ARG B 88 -11.46 14.56 6.51
CA ARG B 88 -10.29 14.61 5.65
C ARG B 88 -9.50 15.90 5.81
N ASN B 89 -10.11 16.97 6.33
CA ASN B 89 -9.35 18.19 6.58
C ASN B 89 -8.60 18.12 7.90
N ASP B 90 -9.10 17.34 8.87
CA ASP B 90 -8.42 17.15 10.14
C ASP B 90 -7.39 16.05 10.00
N GLU B 91 -6.15 16.33 10.42
CA GLU B 91 -5.07 15.40 10.19
C GLU B 91 -5.20 14.13 11.03
N GLU B 92 -5.51 14.28 12.32
CA GLU B 92 -5.57 13.12 13.20
C GLU B 92 -6.83 12.29 12.98
N LEU B 93 -7.96 12.94 12.67
CA LEU B 93 -9.14 12.18 12.28
C LEU B 93 -8.91 11.45 10.96
N ASN B 94 -8.21 12.10 10.03
CA ASN B 94 -7.84 11.42 8.79
C ASN B 94 -6.97 10.21 9.05
N LYS B 95 -6.06 10.32 10.02
CA LYS B 95 -5.25 9.17 10.39
C LYS B 95 -6.11 8.07 11.01
N LEU B 96 -7.04 8.45 11.88
CA LEU B 96 -7.90 7.46 12.53
C LEU B 96 -8.79 6.74 11.52
N LEU B 97 -9.51 7.51 10.69
CA LEU B 97 -10.35 6.93 9.64
C LEU B 97 -9.64 6.89 8.30
N GLY B 98 -8.43 6.32 8.29
CA GLY B 98 -7.63 6.32 7.08
C GLY B 98 -8.00 5.24 6.10
N ARG B 99 -8.55 4.13 6.58
CA ARG B 99 -8.98 3.03 5.73
C ARG B 99 -10.50 2.91 5.70
N VAL B 100 -11.20 4.03 5.79
CA VAL B 100 -12.65 4.05 5.88
C VAL B 100 -13.21 4.83 4.70
N THR B 101 -14.32 4.35 4.15
CA THR B 101 -15.03 5.01 3.07
C THR B 101 -16.34 5.56 3.62
N ILE B 102 -16.54 6.87 3.50
CA ILE B 102 -17.77 7.52 3.92
C ILE B 102 -18.69 7.61 2.71
N ALA B 103 -19.82 6.93 2.76
CA ALA B 103 -20.75 6.91 1.64
C ALA B 103 -21.27 8.30 1.34
N GLN B 104 -21.30 8.65 0.05
CA GLN B 104 -21.79 9.96 -0.41
C GLN B 104 -21.00 11.11 0.19
N GLY B 105 -19.69 10.92 0.33
CA GLY B 105 -18.84 11.96 0.90
C GLY B 105 -18.00 12.69 -0.13
N GLY B 106 -17.80 12.09 -1.30
CA GLY B 106 -16.98 12.73 -2.31
C GLY B 106 -15.51 12.70 -1.96
N VAL B 107 -14.76 13.63 -2.55
CA VAL B 107 -13.33 13.77 -2.31
C VAL B 107 -13.02 15.23 -2.00
N LEU B 108 -11.80 15.46 -1.53
CA LEU B 108 -11.31 16.81 -1.34
C LEU B 108 -10.92 17.42 -2.68
N PRO B 109 -11.31 18.66 -2.94
CA PRO B 109 -10.96 19.29 -4.22
C PRO B 109 -9.49 19.69 -4.31
N ASN B 110 -8.63 18.76 -4.68
CA ASN B 110 -7.20 19.00 -4.84
C ASN B 110 -6.79 18.75 -6.28
N ILE B 111 -6.09 19.70 -6.87
CA ILE B 111 -5.57 19.61 -8.23
C ILE B 111 -4.07 19.83 -8.20
N GLN B 112 -3.33 18.95 -8.88
CA GLN B 112 -1.88 19.08 -8.92
C GLN B 112 -1.47 20.34 -9.66
N SER B 113 -0.37 20.95 -9.20
CA SER B 113 0.06 22.23 -9.75
C SER B 113 0.56 22.11 -11.19
N VAL B 114 1.12 20.95 -11.55
CA VAL B 114 1.64 20.78 -12.90
C VAL B 114 0.55 20.70 -13.95
N LEU B 115 -0.69 20.44 -13.55
CA LEU B 115 -1.81 20.40 -14.49
C LEU B 115 -2.50 21.74 -14.64
N LEU B 116 -2.12 22.74 -13.84
CA LEU B 116 -2.74 24.05 -13.94
C LEU B 116 -2.35 24.71 -15.26
N PRO B 117 -3.21 25.58 -15.80
CA PRO B 117 -2.93 26.15 -17.13
C PRO B 117 -1.78 27.15 -17.08
N LYS B 118 -0.78 26.92 -17.94
CA LYS B 118 0.40 27.77 -17.98
C LYS B 118 0.81 28.08 -19.41
N THR C 29 -38.53 -6.61 14.54
CA THR C 29 -38.49 -6.27 15.95
C THR C 29 -37.92 -4.86 16.16
N ARG C 30 -37.28 -4.64 17.30
CA ARG C 30 -36.73 -3.34 17.65
C ARG C 30 -35.21 -3.37 17.54
N LYS C 31 -34.66 -2.39 16.85
CA LYS C 31 -33.22 -2.24 16.69
C LYS C 31 -32.74 -1.01 17.46
N GLU C 32 -31.59 -1.15 18.11
CA GLU C 32 -31.03 -0.08 18.92
C GLU C 32 -29.87 0.59 18.21
N SER C 33 -29.71 1.88 18.47
CA SER C 33 -28.64 2.66 17.86
C SER C 33 -28.25 3.79 18.79
N TYR C 34 -27.19 4.51 18.42
CA TYR C 34 -26.68 5.63 19.20
C TYR C 34 -27.27 6.96 18.75
N ALA C 35 -28.36 6.94 17.99
CA ALA C 35 -28.85 8.16 17.35
C ALA C 35 -29.22 9.24 18.37
N ILE C 36 -29.91 8.86 19.45
CA ILE C 36 -30.36 9.87 20.40
C ILE C 36 -29.17 10.50 21.13
N TYR C 37 -28.14 9.72 21.43
CA TYR C 37 -26.97 10.27 22.12
C TYR C 37 -26.12 11.13 21.20
N VAL C 38 -25.99 10.72 19.93
CA VAL C 38 -25.33 11.57 18.94
C VAL C 38 -26.06 12.89 18.80
N TYR C 39 -27.40 12.84 18.79
CA TYR C 39 -28.19 14.07 18.68
C TYR C 39 -28.01 14.95 19.91
N LYS C 40 -27.95 14.34 21.10
CA LYS C 40 -27.69 15.11 22.31
C LYS C 40 -26.34 15.83 22.23
N VAL C 41 -25.30 15.09 21.82
CA VAL C 41 -23.97 15.70 21.72
C VAL C 41 -23.94 16.80 20.66
N LEU C 42 -24.65 16.59 19.55
CA LEU C 42 -24.71 17.62 18.50
C LEU C 42 -25.40 18.89 19.01
N LYS C 43 -26.52 18.73 19.71
CA LYS C 43 -27.17 19.90 20.29
C LYS C 43 -26.33 20.55 21.38
N GLN C 44 -25.41 19.78 21.99
CA GLN C 44 -24.47 20.40 22.91
C GLN C 44 -23.45 21.26 22.17
N VAL C 45 -22.86 20.74 21.10
CA VAL C 45 -21.79 21.47 20.44
C VAL C 45 -22.34 22.50 19.44
N HIS C 46 -23.40 22.15 18.71
CA HIS C 46 -24.01 23.03 17.72
C HIS C 46 -25.51 23.06 17.94
N PRO C 47 -25.99 23.90 18.86
CA PRO C 47 -27.41 23.87 19.23
C PRO C 47 -28.38 24.25 18.12
N ASP C 48 -27.90 24.89 17.04
CA ASP C 48 -28.78 25.28 15.94
C ASP C 48 -28.47 24.54 14.65
N THR C 49 -27.89 23.33 14.75
CA THR C 49 -27.54 22.53 13.59
C THR C 49 -28.27 21.20 13.66
N GLY C 50 -28.87 20.80 12.53
CA GLY C 50 -29.51 19.51 12.42
C GLY C 50 -28.59 18.47 11.82
N ILE C 51 -29.20 17.33 11.46
CA ILE C 51 -28.44 16.24 10.85
C ILE C 51 -29.42 15.37 10.07
N SER C 52 -28.98 14.88 8.91
CA SER C 52 -29.78 14.00 8.07
C SER C 52 -29.67 12.56 8.55
N SER C 53 -30.55 11.72 8.03
CA SER C 53 -30.54 10.31 8.43
C SER C 53 -29.31 9.57 7.93
N LYS C 54 -28.83 9.90 6.73
CA LYS C 54 -27.61 9.28 6.21
C LYS C 54 -26.40 9.63 7.07
N ALA C 55 -26.28 10.90 7.47
CA ALA C 55 -25.17 11.30 8.32
C ALA C 55 -25.27 10.65 9.69
N MET C 56 -26.49 10.47 10.21
CA MET C 56 -26.66 9.80 11.49
C MET C 56 -26.29 8.33 11.38
N SER C 57 -26.61 7.68 10.26
CA SER C 57 -26.19 6.31 10.04
C SER C 57 -24.68 6.20 9.98
N ILE C 58 -24.03 7.15 9.32
CA ILE C 58 -22.57 7.15 9.26
C ILE C 58 -21.97 7.34 10.65
N MET C 59 -22.55 8.24 11.45
CA MET C 59 -22.05 8.45 12.80
C MET C 59 -22.24 7.21 13.67
N ASN C 60 -23.36 6.52 13.50
CA ASN C 60 -23.60 5.28 14.23
C ASN C 60 -22.57 4.22 13.86
N SER C 61 -22.29 4.09 12.56
CA SER C 61 -21.25 3.16 12.11
C SER C 61 -19.90 3.53 12.70
N PHE C 62 -19.60 4.83 12.77
CA PHE C 62 -18.33 5.28 13.35
C PHE C 62 -18.23 4.87 14.81
N VAL C 63 -19.30 5.11 15.57
CA VAL C 63 -19.30 4.75 16.99
C VAL C 63 -19.12 3.25 17.17
N ASN C 64 -19.84 2.45 16.37
CA ASN C 64 -19.71 1.00 16.48
C ASN C 64 -18.30 0.54 16.13
N ASP C 65 -17.71 1.10 15.08
CA ASP C 65 -16.37 0.71 14.67
C ASP C 65 -15.34 1.03 15.75
N VAL C 66 -15.45 2.22 16.36
CA VAL C 66 -14.51 2.59 17.41
C VAL C 66 -14.69 1.72 18.64
N PHE C 67 -15.95 1.41 19.00
CA PHE C 67 -16.22 0.50 20.10
C PHE C 67 -15.55 -0.84 19.86
N GLU C 68 -15.71 -1.39 18.66
CA GLU C 68 -15.10 -2.68 18.34
C GLU C 68 -13.58 -2.61 18.44
N ARG C 69 -12.97 -1.56 17.89
CA ARG C 69 -11.51 -1.46 17.94
C ARG C 69 -11.01 -1.43 19.39
N ILE C 70 -11.59 -0.53 20.20
CA ILE C 70 -11.13 -0.38 21.57
C ILE C 70 -11.36 -1.66 22.37
N ALA C 71 -12.53 -2.28 22.20
CA ALA C 71 -12.85 -3.49 22.95
C ALA C 71 -11.94 -4.64 22.55
N GLY C 72 -11.66 -4.80 21.25
CA GLY C 72 -10.76 -5.85 20.82
C GLY C 72 -9.35 -5.66 21.32
N GLU C 73 -8.86 -4.41 21.30
CA GLU C 73 -7.53 -4.17 21.82
C GLU C 73 -7.47 -4.41 23.33
N ALA C 74 -8.52 -4.03 24.06
CA ALA C 74 -8.54 -4.29 25.50
C ALA C 74 -8.59 -5.78 25.79
N SER C 75 -9.33 -6.55 24.99
CA SER C 75 -9.35 -7.99 25.15
C SER C 75 -7.96 -8.60 24.90
N ARG C 76 -7.28 -8.13 23.86
CA ARG C 76 -5.92 -8.61 23.59
C ARG C 76 -4.98 -8.26 24.74
N LEU C 77 -5.12 -7.05 25.30
CA LEU C 77 -4.29 -6.65 26.43
C LEU C 77 -4.54 -7.54 27.65
N ALA C 78 -5.81 -7.84 27.93
CA ALA C 78 -6.13 -8.71 29.05
C ALA C 78 -5.57 -10.10 28.84
N HIS C 79 -5.67 -10.62 27.61
CA HIS C 79 -5.15 -11.96 27.35
C HIS C 79 -3.64 -12.02 27.46
N TYR C 80 -2.93 -10.99 26.96
CA TYR C 80 -1.48 -10.99 27.01
C TYR C 80 -0.96 -11.05 28.44
N ASN C 81 -1.66 -10.43 29.38
CA ASN C 81 -1.19 -10.29 30.75
C ASN C 81 -1.81 -11.30 31.70
N LYS C 82 -2.49 -12.33 31.17
CA LYS C 82 -3.12 -13.37 31.98
C LYS C 82 -4.13 -12.76 32.96
N ARG C 83 -5.13 -12.10 32.39
CA ARG C 83 -6.19 -11.47 33.17
C ARG C 83 -7.54 -11.89 32.61
N SER C 84 -8.51 -12.02 33.51
CA SER C 84 -9.88 -12.35 33.12
C SER C 84 -10.78 -11.13 33.04
N THR C 85 -10.37 -10.00 33.60
CA THR C 85 -11.19 -8.81 33.68
C THR C 85 -10.68 -7.73 32.75
N ILE C 86 -11.59 -7.03 32.08
CA ILE C 86 -11.28 -5.83 31.34
C ILE C 86 -11.66 -4.64 32.22
N THR C 87 -10.65 -3.94 32.72
CA THR C 87 -10.84 -2.80 33.60
C THR C 87 -10.68 -1.50 32.81
N SER C 88 -10.69 -0.38 33.51
CA SER C 88 -10.46 0.91 32.86
C SER C 88 -9.02 1.13 32.48
N ARG C 89 -8.08 0.43 33.14
CA ARG C 89 -6.68 0.53 32.74
C ARG C 89 -6.45 -0.08 31.35
N GLU C 90 -7.10 -1.20 31.07
CA GLU C 90 -7.02 -1.78 29.73
C GLU C 90 -7.63 -0.86 28.70
N ILE C 91 -8.76 -0.21 29.04
CA ILE C 91 -9.38 0.73 28.12
C ILE C 91 -8.45 1.91 27.85
N GLN C 92 -7.79 2.42 28.88
CA GLN C 92 -6.88 3.54 28.71
C GLN C 92 -5.69 3.15 27.83
N THR C 93 -5.12 1.97 28.07
CA THR C 93 -4.00 1.52 27.25
C THR C 93 -4.43 1.29 25.80
N ALA C 94 -5.62 0.73 25.59
CA ALA C 94 -6.11 0.54 24.23
C ALA C 94 -6.35 1.87 23.53
N VAL C 95 -6.84 2.88 24.27
CA VAL C 95 -7.02 4.21 23.70
C VAL C 95 -5.68 4.81 23.31
N ARG C 96 -4.66 4.65 24.15
CA ARG C 96 -3.34 5.15 23.79
C ARG C 96 -2.76 4.42 22.59
N LEU C 97 -3.07 3.12 22.43
CA LEU C 97 -2.57 2.36 21.30
C LEU C 97 -3.29 2.69 20.00
N LEU C 98 -4.59 3.00 20.07
CA LEU C 98 -5.41 3.16 18.87
C LEU C 98 -5.62 4.60 18.44
N LEU C 99 -5.35 5.58 19.31
CA LEU C 99 -5.62 6.94 18.89
C LEU C 99 -4.32 7.71 18.67
N PRO C 100 -4.28 8.59 17.67
CA PRO C 100 -3.03 9.31 17.35
C PRO C 100 -2.86 10.61 18.11
N GLY C 101 -1.68 10.82 18.66
CA GLY C 101 -1.25 12.12 19.17
C GLY C 101 -2.15 12.79 20.18
N GLU C 102 -2.71 13.94 19.80
CA GLU C 102 -3.49 14.76 20.74
C GLU C 102 -4.85 14.15 21.03
N LEU C 103 -5.43 13.43 20.07
CA LEU C 103 -6.69 12.73 20.32
C LEU C 103 -6.55 11.78 21.50
N ALA C 104 -5.44 11.02 21.55
CA ALA C 104 -5.26 10.07 22.63
C ALA C 104 -5.17 10.76 23.98
N LYS C 105 -4.42 11.86 24.07
CA LYS C 105 -4.28 12.56 25.34
C LYS C 105 -5.61 13.17 25.79
N HIS C 106 -6.34 13.78 24.86
CA HIS C 106 -7.63 14.38 25.23
C HIS C 106 -8.63 13.30 25.66
N ALA C 107 -8.66 12.18 24.94
CA ALA C 107 -9.57 11.09 25.29
C ALA C 107 -9.20 10.49 26.64
N VAL C 108 -7.90 10.35 26.92
CA VAL C 108 -7.48 9.81 28.21
C VAL C 108 -7.89 10.74 29.34
N SER C 109 -7.72 12.06 29.14
CA SER C 109 -8.14 13.01 30.15
C SER C 109 -9.64 12.95 30.38
N GLU C 110 -10.43 12.87 29.30
CA GLU C 110 -11.88 12.78 29.44
C GLU C 110 -12.29 11.52 30.18
N GLY C 111 -11.69 10.38 29.83
CA GLY C 111 -12.02 9.14 30.50
C GLY C 111 -11.66 9.14 31.97
N THR C 112 -10.49 9.69 32.30
CA THR C 112 -10.09 9.79 33.70
C THR C 112 -11.04 10.70 34.47
N LYS C 113 -11.44 11.83 33.87
CA LYS C 113 -12.39 12.72 34.52
C LYS C 113 -13.72 12.02 34.77
N ALA C 114 -14.21 11.29 33.77
CA ALA C 114 -15.49 10.60 33.92
C ALA C 114 -15.42 9.53 35.01
N VAL C 115 -14.32 8.76 35.06
CA VAL C 115 -14.20 7.72 36.06
C VAL C 115 -14.09 8.32 37.45
N THR C 116 -13.36 9.43 37.58
CA THR C 116 -13.26 10.10 38.87
C THR C 116 -14.63 10.60 39.34
N LYS C 117 -15.38 11.24 38.44
CA LYS C 117 -16.70 11.73 38.80
C LYS C 117 -17.65 10.59 39.15
N TYR C 118 -17.51 9.45 38.47
CA TYR C 118 -18.36 8.30 38.78
C TYR C 118 -18.01 7.71 40.14
N THR C 119 -16.72 7.64 40.46
CA THR C 119 -16.29 7.08 41.73
C THR C 119 -16.61 7.99 42.91
N SER C 120 -16.58 9.30 42.71
CA SER C 120 -16.86 10.23 43.81
C SER C 120 -18.34 10.21 44.17
N ALA C 121 -19.22 10.23 43.18
CA ALA C 121 -20.66 10.19 43.41
C ALA C 121 -21.20 8.78 43.27
N LEU D 22 -26.88 -13.47 -18.86
CA LEU D 22 -25.98 -12.40 -18.44
C LEU D 22 -24.57 -12.62 -18.98
N ARG D 23 -24.23 -11.92 -20.07
CA ARG D 23 -22.92 -12.01 -20.68
C ARG D 23 -22.51 -10.65 -21.22
N ASP D 24 -21.22 -10.35 -21.09
CA ASP D 24 -20.61 -9.13 -21.64
C ASP D 24 -21.35 -7.89 -21.11
N ASN D 25 -21.35 -7.75 -19.78
CA ASN D 25 -21.88 -6.56 -19.14
C ASN D 25 -20.79 -5.62 -18.64
N ILE D 26 -19.52 -6.06 -18.67
CA ILE D 26 -18.42 -5.18 -18.30
C ILE D 26 -18.29 -4.03 -19.28
N GLN D 27 -18.76 -4.22 -20.52
CA GLN D 27 -18.79 -3.12 -21.49
C GLN D 27 -19.90 -2.12 -21.19
N GLY D 28 -20.76 -2.40 -20.22
CA GLY D 28 -21.69 -1.39 -19.74
C GLY D 28 -21.04 -0.33 -18.87
N ILE D 29 -19.85 -0.61 -18.36
CA ILE D 29 -19.03 0.41 -17.72
C ILE D 29 -18.35 1.19 -18.83
N THR D 30 -18.99 2.25 -19.29
CA THR D 30 -18.61 2.90 -20.53
C THR D 30 -17.40 3.82 -20.32
N LYS D 31 -16.86 4.28 -21.44
CA LYS D 31 -15.73 5.20 -21.46
C LYS D 31 -16.04 6.54 -20.78
N PRO D 32 -17.20 7.17 -21.04
CA PRO D 32 -17.51 8.40 -20.30
C PRO D 32 -17.57 8.23 -18.79
N ALA D 33 -18.06 7.09 -18.31
CA ALA D 33 -18.12 6.86 -16.87
C ALA D 33 -16.72 6.75 -16.28
N ILE D 34 -15.83 6.02 -16.95
CA ILE D 34 -14.44 5.93 -16.50
C ILE D 34 -13.78 7.30 -16.56
N ARG D 35 -14.11 8.10 -17.57
CA ARG D 35 -13.58 9.44 -17.68
C ARG D 35 -14.01 10.31 -16.52
N ARG D 36 -15.29 10.21 -16.12
CA ARG D 36 -15.77 10.97 -14.96
C ARG D 36 -15.09 10.50 -13.68
N LEU D 37 -14.91 9.18 -13.53
CA LEU D 37 -14.21 8.66 -12.37
C LEU D 37 -12.78 9.19 -12.29
N ALA D 38 -12.12 9.30 -13.44
CA ALA D 38 -10.75 9.82 -13.47
C ALA D 38 -10.72 11.33 -13.25
N ARG D 39 -11.75 12.04 -13.70
CA ARG D 39 -11.84 13.47 -13.43
C ARG D 39 -11.97 13.72 -11.94
N ARG D 40 -12.81 12.94 -11.26
CA ARG D 40 -12.90 13.06 -9.80
C ARG D 40 -11.58 12.71 -9.12
N GLY D 41 -10.74 11.90 -9.77
CA GLY D 41 -9.42 11.62 -9.26
C GLY D 41 -8.36 12.65 -9.57
N GLY D 42 -8.71 13.68 -10.34
CA GLY D 42 -7.77 14.73 -10.68
C GLY D 42 -6.95 14.50 -11.93
N VAL D 43 -7.44 13.68 -12.86
CA VAL D 43 -6.70 13.31 -14.06
C VAL D 43 -7.11 14.24 -15.19
N LYS D 44 -6.12 14.80 -15.89
CA LYS D 44 -6.36 15.79 -16.94
C LYS D 44 -6.30 15.20 -18.35
N ARG D 45 -5.57 14.11 -18.56
CA ARG D 45 -5.41 13.55 -19.89
C ARG D 45 -5.29 12.04 -19.77
N ILE D 46 -6.06 11.32 -20.59
CA ILE D 46 -6.25 9.88 -20.43
C ILE D 46 -5.87 9.20 -21.74
N SER D 47 -4.93 8.25 -21.66
CA SER D 47 -4.58 7.43 -22.82
C SER D 47 -5.73 6.51 -23.19
N GLY D 48 -5.83 6.20 -24.49
CA GLY D 48 -6.94 5.40 -24.99
C GLY D 48 -6.93 3.96 -24.53
N LEU D 49 -5.79 3.46 -24.03
CA LEU D 49 -5.68 2.10 -23.54
C LEU D 49 -6.00 1.99 -22.06
N ILE D 50 -6.57 3.02 -21.45
CA ILE D 50 -6.84 3.02 -20.03
C ILE D 50 -8.18 2.35 -19.70
N TYR D 51 -9.17 2.45 -20.59
CA TYR D 51 -10.52 2.00 -20.26
C TYR D 51 -10.59 0.49 -20.10
N GLU D 52 -9.91 -0.27 -20.95
CA GLU D 52 -9.92 -1.73 -20.80
C GLU D 52 -9.20 -2.17 -19.54
N GLU D 53 -8.07 -1.52 -19.22
CA GLU D 53 -7.36 -1.82 -17.99
C GLU D 53 -8.22 -1.51 -16.77
N THR D 54 -8.97 -0.41 -16.83
CA THR D 54 -9.87 -0.04 -15.73
C THR D 54 -11.00 -1.06 -15.58
N ARG D 55 -11.54 -1.53 -16.71
CA ARG D 55 -12.57 -2.56 -16.65
C ARG D 55 -12.03 -3.84 -16.02
N GLY D 56 -10.81 -4.23 -16.38
CA GLY D 56 -10.21 -5.41 -15.77
C GLY D 56 -9.99 -5.26 -14.28
N VAL D 57 -9.49 -4.09 -13.86
CA VAL D 57 -9.27 -3.84 -12.43
C VAL D 57 -10.59 -3.87 -11.68
N LEU D 58 -11.63 -3.24 -12.23
CA LEU D 58 -12.94 -3.25 -11.59
C LEU D 58 -13.49 -4.66 -11.48
N LYS D 59 -13.31 -5.46 -12.54
CA LYS D 59 -13.76 -6.85 -12.49
C LYS D 59 -13.06 -7.62 -11.38
N VAL D 60 -11.75 -7.44 -11.25
CA VAL D 60 -11.00 -8.14 -10.20
C VAL D 60 -11.52 -7.74 -8.82
N PHE D 61 -11.69 -6.42 -8.60
CA PHE D 61 -12.15 -5.94 -7.31
C PHE D 61 -13.54 -6.47 -6.98
N LEU D 62 -14.45 -6.41 -7.95
CA LEU D 62 -15.82 -6.89 -7.73
C LEU D 62 -15.84 -8.38 -7.47
N GLU D 63 -15.04 -9.16 -8.18
CA GLU D 63 -14.98 -10.60 -7.94
C GLU D 63 -14.51 -10.87 -6.52
N ASN D 64 -13.45 -10.19 -6.08
CA ASN D 64 -12.93 -10.42 -4.74
C ASN D 64 -13.94 -10.05 -3.66
N VAL D 65 -14.72 -8.99 -3.87
CA VAL D 65 -15.71 -8.62 -2.86
C VAL D 65 -16.90 -9.58 -2.88
N ILE D 66 -17.40 -9.91 -4.07
CA ILE D 66 -18.62 -10.69 -4.19
C ILE D 66 -18.39 -12.14 -3.75
N ARG D 67 -17.17 -12.67 -3.92
CA ARG D 67 -16.91 -14.02 -3.42
C ARG D 67 -17.16 -14.11 -1.93
N ASP D 68 -16.61 -13.16 -1.16
CA ASP D 68 -16.82 -13.16 0.28
C ASP D 68 -18.26 -12.85 0.65
N ALA D 69 -18.90 -11.93 -0.09
CA ALA D 69 -20.31 -11.64 0.18
C ALA D 69 -21.17 -12.89 0.02
N VAL D 70 -20.95 -13.65 -1.04
CA VAL D 70 -21.72 -14.87 -1.25
C VAL D 70 -21.36 -15.94 -0.24
N THR D 71 -20.09 -15.99 0.20
CA THR D 71 -19.73 -16.91 1.29
C THR D 71 -20.50 -16.60 2.55
N TYR D 72 -20.61 -15.32 2.91
CA TYR D 72 -21.39 -14.94 4.09
C TYR D 72 -22.87 -15.26 3.89
N THR D 73 -23.40 -15.03 2.69
CA THR D 73 -24.80 -15.34 2.42
C THR D 73 -25.07 -16.84 2.54
N GLU D 74 -24.12 -17.66 2.09
CA GLU D 74 -24.33 -19.11 2.09
C GLU D 74 -24.14 -19.70 3.49
N HIS D 75 -23.26 -19.14 4.31
CA HIS D 75 -23.11 -19.65 5.66
C HIS D 75 -24.40 -19.50 6.46
N ALA D 76 -25.19 -18.47 6.18
CA ALA D 76 -26.45 -18.22 6.86
C ALA D 76 -27.62 -19.00 6.28
N LYS D 77 -27.37 -19.82 5.26
CA LYS D 77 -28.42 -20.55 4.55
C LYS D 77 -29.47 -19.62 3.97
N ARG D 78 -29.03 -18.47 3.50
CA ARG D 78 -29.90 -17.52 2.83
C ARG D 78 -29.74 -17.64 1.33
N LYS D 79 -30.69 -17.04 0.61
CA LYS D 79 -30.64 -16.99 -0.83
C LYS D 79 -30.51 -15.59 -1.39
N THR D 80 -30.63 -14.57 -0.55
CA THR D 80 -30.49 -13.18 -0.97
C THR D 80 -29.28 -12.56 -0.28
N VAL D 81 -28.51 -11.78 -1.03
CA VAL D 81 -27.36 -11.08 -0.46
C VAL D 81 -27.85 -9.78 0.17
N THR D 82 -27.52 -9.59 1.44
CA THR D 82 -27.93 -8.41 2.18
C THR D 82 -26.81 -7.38 2.18
N ALA D 83 -27.15 -6.16 2.58
CA ALA D 83 -26.16 -5.11 2.69
C ALA D 83 -25.09 -5.45 3.73
N MET D 84 -25.47 -6.16 4.78
CA MET D 84 -24.52 -6.50 5.83
C MET D 84 -23.48 -7.50 5.35
N ASP D 85 -23.87 -8.41 4.45
CA ASP D 85 -22.89 -9.33 3.87
C ASP D 85 -21.83 -8.57 3.10
N VAL D 86 -22.25 -7.59 2.30
CA VAL D 86 -21.30 -6.76 1.55
C VAL D 86 -20.43 -5.95 2.49
N VAL D 87 -21.02 -5.41 3.56
CA VAL D 87 -20.25 -4.62 4.51
C VAL D 87 -19.19 -5.48 5.20
N TYR D 88 -19.56 -6.70 5.59
CA TYR D 88 -18.58 -7.59 6.23
C TYR D 88 -17.51 -8.02 5.24
N ALA D 89 -17.87 -8.26 3.98
CA ALA D 89 -16.86 -8.60 2.98
C ALA D 89 -15.89 -7.45 2.77
N LEU D 90 -16.39 -6.21 2.71
CA LEU D 90 -15.52 -5.06 2.55
C LEU D 90 -14.64 -4.88 3.78
N LYS D 91 -15.18 -5.12 4.98
CA LYS D 91 -14.39 -4.97 6.20
C LYS D 91 -13.27 -6.01 6.26
N ARG D 92 -13.56 -7.24 5.82
CA ARG D 92 -12.53 -8.28 5.86
C ARG D 92 -11.36 -7.97 4.93
N GLN D 93 -11.58 -7.18 3.89
CA GLN D 93 -10.55 -6.81 2.94
C GLN D 93 -9.89 -5.47 3.26
N GLY D 94 -10.05 -4.98 4.49
CA GLY D 94 -9.42 -3.74 4.88
C GLY D 94 -10.02 -2.49 4.28
N ARG D 95 -11.28 -2.54 3.85
CA ARG D 95 -11.99 -1.38 3.32
C ARG D 95 -13.30 -1.23 4.07
N THR D 96 -13.25 -0.57 5.22
CA THR D 96 -14.46 -0.35 6.00
C THR D 96 -15.33 0.71 5.34
N LEU D 97 -16.63 0.44 5.29
CA LEU D 97 -17.60 1.30 4.62
C LEU D 97 -18.64 1.76 5.63
N TYR D 98 -18.69 3.06 5.88
CA TYR D 98 -19.69 3.65 6.77
C TYR D 98 -20.94 4.03 6.01
N GLY D 99 -22.09 3.84 6.64
CA GLY D 99 -23.33 4.38 6.15
C GLY D 99 -24.26 3.42 5.43
N PHE D 100 -24.05 2.11 5.56
CA PHE D 100 -24.91 1.13 4.89
C PHE D 100 -25.41 0.10 5.87
N GLY D 101 -25.74 0.53 7.09
CA GLY D 101 -26.24 -0.37 8.10
C GLY D 101 -25.24 -0.61 9.21
N GLY D 102 -23.97 -0.77 8.84
CA GLY D 102 -22.89 -0.89 9.80
C GLY D 102 -23.06 -1.97 10.85
N ALA E 12 -12.34 -48.24 29.51
CA ALA E 12 -11.27 -48.88 28.76
C ALA E 12 -10.02 -48.01 28.75
N LYS E 13 -9.01 -48.43 28.00
CA LYS E 13 -7.76 -47.68 27.93
C LYS E 13 -7.96 -46.37 27.16
N ALA E 14 -7.16 -45.37 27.54
CA ALA E 14 -7.30 -44.05 26.94
C ALA E 14 -6.82 -44.08 25.49
N LYS E 15 -7.63 -43.50 24.60
CA LYS E 15 -7.27 -43.34 23.20
C LYS E 15 -7.44 -41.87 22.82
N THR E 16 -6.42 -41.30 22.20
CA THR E 16 -6.46 -39.88 21.84
C THR E 16 -7.47 -39.65 20.71
N ARG E 17 -7.97 -38.41 20.64
CA ARG E 17 -8.91 -38.05 19.59
C ARG E 17 -8.21 -37.83 18.25
N SER E 18 -6.94 -37.40 18.27
CA SER E 18 -6.20 -37.26 17.03
C SER E 18 -5.99 -38.61 16.35
N SER E 19 -5.78 -39.66 17.14
CA SER E 19 -5.68 -41.01 16.59
C SER E 19 -7.01 -41.43 15.96
N ARG E 20 -8.13 -41.12 16.61
CA ARG E 20 -9.44 -41.43 16.04
C ARG E 20 -9.65 -40.70 14.72
N ALA E 21 -9.25 -39.43 14.66
CA ALA E 21 -9.41 -38.64 13.44
C ALA E 21 -8.32 -38.91 12.41
N GLY E 22 -7.28 -39.65 12.76
CA GLY E 22 -6.17 -39.88 11.86
C GLY E 22 -5.28 -38.68 11.67
N LEU E 23 -5.07 -37.89 12.73
CA LEU E 23 -4.29 -36.67 12.66
C LEU E 23 -3.02 -36.82 13.50
N GLN E 24 -2.09 -35.90 13.26
CA GLN E 24 -0.85 -35.83 14.04
C GLN E 24 -0.83 -34.68 15.03
N PHE E 25 -1.66 -33.65 14.82
CA PHE E 25 -1.80 -32.49 15.68
C PHE E 25 -2.77 -32.80 16.82
N PRO E 26 -2.58 -32.17 17.99
CA PRO E 26 -3.39 -32.55 19.17
C PRO E 26 -4.78 -31.95 19.11
N VAL E 27 -5.79 -32.83 19.06
CA VAL E 27 -7.18 -32.36 19.03
C VAL E 27 -7.59 -31.83 20.40
N GLY E 28 -7.14 -32.48 21.48
CA GLY E 28 -7.50 -32.02 22.81
C GLY E 28 -6.90 -30.65 23.14
N ARG E 29 -5.65 -30.42 22.74
CA ARG E 29 -5.04 -29.13 22.99
C ARG E 29 -5.73 -28.03 22.19
N VAL E 30 -6.08 -28.30 20.93
CA VAL E 30 -6.81 -27.33 20.14
C VAL E 30 -8.19 -27.07 20.73
N HIS E 31 -8.82 -28.10 21.28
CA HIS E 31 -10.12 -27.92 21.93
C HIS E 31 -10.01 -27.04 23.17
N ARG E 32 -8.97 -27.26 23.97
CA ARG E 32 -8.74 -26.40 25.13
C ARG E 32 -8.47 -24.96 24.71
N LEU E 33 -7.63 -24.78 23.69
CA LEU E 33 -7.29 -23.44 23.22
C LEU E 33 -8.49 -22.72 22.62
N LEU E 34 -9.43 -23.48 22.06
CA LEU E 34 -10.67 -22.86 21.58
C LEU E 34 -11.58 -22.49 22.74
N ARG E 35 -11.69 -23.36 23.74
CA ARG E 35 -12.56 -23.08 24.87
C ARG E 35 -12.08 -21.88 25.67
N LYS E 36 -10.77 -21.75 25.86
CA LYS E 36 -10.22 -20.73 26.74
C LYS E 36 -9.86 -19.44 26.01
N GLY E 37 -10.14 -19.34 24.72
CA GLY E 37 -9.73 -18.19 23.93
C GLY E 37 -10.75 -17.09 23.76
N ASN E 38 -11.90 -17.17 24.43
CA ASN E 38 -12.94 -16.15 24.36
C ASN E 38 -13.41 -15.94 22.92
N TYR E 39 -13.76 -17.03 22.25
CA TYR E 39 -14.31 -16.95 20.89
C TYR E 39 -15.82 -17.15 20.85
N ALA E 40 -16.36 -18.00 21.71
CA ALA E 40 -17.79 -18.22 21.81
C ALA E 40 -18.09 -18.86 23.15
N GLU E 41 -19.37 -18.87 23.51
CA GLU E 41 -19.77 -19.51 24.77
C GLU E 41 -19.54 -21.01 24.71
N ARG E 42 -19.86 -21.64 23.58
CA ARG E 42 -19.77 -23.08 23.43
C ARG E 42 -18.93 -23.43 22.21
N VAL E 43 -18.28 -24.59 22.28
CA VAL E 43 -17.45 -25.10 21.19
C VAL E 43 -17.97 -26.49 20.82
N GLY E 44 -18.24 -26.70 19.54
CA GLY E 44 -18.72 -27.99 19.09
C GLY E 44 -17.67 -29.08 19.21
N ALA E 45 -18.14 -30.32 19.06
CA ALA E 45 -17.25 -31.46 19.19
C ALA E 45 -16.35 -31.64 17.98
N GLY E 46 -16.84 -31.33 16.79
CA GLY E 46 -16.08 -31.49 15.57
C GLY E 46 -15.31 -30.27 15.11
N ALA E 47 -15.27 -29.21 15.91
CA ALA E 47 -14.53 -28.02 15.56
C ALA E 47 -13.02 -28.20 15.77
N PRO E 48 -12.56 -28.70 16.91
CA PRO E 48 -11.12 -28.92 17.07
C PRO E 48 -10.55 -29.90 16.06
N VAL E 49 -11.33 -30.90 15.65
CA VAL E 49 -10.83 -31.88 14.68
C VAL E 49 -10.61 -31.20 13.33
N TYR E 50 -11.60 -30.44 12.87
CA TYR E 50 -11.46 -29.70 11.61
C TYR E 50 -10.29 -28.73 11.67
N LEU E 51 -10.16 -27.99 12.76
CA LEU E 51 -9.09 -27.00 12.88
C LEU E 51 -7.73 -27.67 12.89
N ALA E 52 -7.59 -28.77 13.63
CA ALA E 52 -6.33 -29.49 13.65
C ALA E 52 -5.98 -30.07 12.29
N ALA E 53 -6.98 -30.57 11.55
CA ALA E 53 -6.71 -31.07 10.21
C ALA E 53 -6.22 -29.97 9.29
N VAL E 54 -6.84 -28.78 9.36
CA VAL E 54 -6.41 -27.68 8.50
C VAL E 54 -5.01 -27.22 8.87
N LEU E 55 -4.72 -27.10 10.17
CA LEU E 55 -3.38 -26.70 10.59
C LEU E 55 -2.33 -27.71 10.15
N GLU E 56 -2.63 -29.01 10.28
CA GLU E 56 -1.69 -30.03 9.86
C GLU E 56 -1.47 -30.00 8.35
N TYR E 57 -2.53 -29.77 7.58
CA TYR E 57 -2.36 -29.68 6.13
C TYR E 57 -1.46 -28.51 5.74
N LEU E 58 -1.66 -27.35 6.36
CA LEU E 58 -0.82 -26.20 6.02
C LEU E 58 0.63 -26.44 6.43
N THR E 59 0.84 -27.03 7.62
CA THR E 59 2.20 -27.36 8.04
C THR E 59 2.86 -28.33 7.08
N ALA E 60 2.10 -29.32 6.60
CA ALA E 60 2.66 -30.30 5.68
C ALA E 60 3.03 -29.67 4.34
N GLU E 61 2.18 -28.80 3.82
CA GLU E 61 2.50 -28.11 2.57
C GLU E 61 3.79 -27.30 2.71
N ILE E 62 3.88 -26.48 3.77
CA ILE E 62 5.05 -25.64 3.94
C ILE E 62 6.30 -26.49 4.15
N LEU E 63 6.19 -27.57 4.92
CA LEU E 63 7.36 -28.40 5.19
C LEU E 63 7.81 -29.16 3.96
N GLU E 64 6.88 -29.61 3.11
CA GLU E 64 7.26 -30.26 1.87
C GLU E 64 8.04 -29.30 0.98
N LEU E 65 7.52 -28.08 0.79
CA LEU E 65 8.23 -27.12 -0.04
C LEU E 65 9.59 -26.75 0.55
N ALA E 66 9.66 -26.58 1.87
CA ALA E 66 10.92 -26.23 2.51
C ALA E 66 11.93 -27.35 2.44
N GLY E 67 11.48 -28.61 2.53
CA GLY E 67 12.40 -29.72 2.36
C GLY E 67 12.92 -29.81 0.94
N ASN E 68 12.06 -29.56 -0.04
CA ASN E 68 12.53 -29.46 -1.42
C ASN E 68 13.61 -28.40 -1.56
N ALA E 69 13.37 -27.22 -0.98
CA ALA E 69 14.34 -26.14 -1.04
C ALA E 69 15.65 -26.51 -0.36
N ALA E 70 15.57 -27.17 0.79
CA ALA E 70 16.77 -27.60 1.50
C ALA E 70 17.55 -28.64 0.70
N ARG E 71 16.86 -29.49 -0.04
CA ARG E 71 17.54 -30.47 -0.88
C ARG E 71 18.20 -29.82 -2.09
N ASP E 72 17.55 -28.79 -2.67
CA ASP E 72 18.17 -28.07 -3.78
C ASP E 72 19.46 -27.38 -3.35
N ASN E 73 19.59 -27.05 -2.07
CA ASN E 73 20.84 -26.50 -1.52
C ASN E 73 21.74 -27.59 -0.94
N LYS E 74 21.38 -28.86 -1.12
CA LYS E 74 22.19 -29.99 -0.66
C LYS E 74 22.38 -29.96 0.86
N LYS E 75 21.34 -29.58 1.58
CA LYS E 75 21.36 -29.58 3.04
C LYS E 75 20.28 -30.52 3.57
N THR E 76 20.56 -31.15 4.71
CA THR E 76 19.62 -32.07 5.32
C THR E 76 18.74 -31.42 6.38
N ARG E 77 18.96 -30.16 6.71
CA ARG E 77 18.18 -29.46 7.72
C ARG E 77 17.55 -28.20 7.12
N ILE E 78 16.31 -27.94 7.50
CA ILE E 78 15.61 -26.74 7.07
C ILE E 78 16.06 -25.57 7.94
N ILE E 79 16.42 -24.47 7.30
CA ILE E 79 16.77 -23.24 8.00
C ILE E 79 15.74 -22.18 7.60
N PRO E 80 15.70 -21.01 8.24
CA PRO E 80 14.72 -19.99 7.82
C PRO E 80 14.81 -19.60 6.35
N ARG E 81 16.00 -19.66 5.75
CA ARG E 81 16.15 -19.32 4.34
C ARG E 81 15.31 -20.24 3.47
N HIS E 82 15.29 -21.54 3.78
CA HIS E 82 14.50 -22.48 2.99
C HIS E 82 13.01 -22.21 3.13
N LEU E 83 12.56 -21.86 4.34
CA LEU E 83 11.16 -21.50 4.54
C LEU E 83 10.80 -20.25 3.75
N GLN E 84 11.67 -19.26 3.75
CA GLN E 84 11.41 -18.05 2.98
C GLN E 84 11.33 -18.35 1.49
N LEU E 85 12.26 -19.16 0.98
CA LEU E 85 12.23 -19.52 -0.43
C LEU E 85 10.95 -20.26 -0.77
N ALA E 86 10.56 -21.22 0.07
CA ALA E 86 9.36 -22.00 -0.18
C ALA E 86 8.12 -21.13 -0.18
N VAL E 87 8.01 -20.22 0.79
CA VAL E 87 6.82 -19.40 0.91
C VAL E 87 6.75 -18.40 -0.25
N ARG E 88 7.86 -17.73 -0.55
CA ARG E 88 7.84 -16.67 -1.55
C ARG E 88 7.78 -17.20 -2.97
N ASN E 89 8.25 -18.42 -3.22
CA ASN E 89 8.16 -18.98 -4.56
C ASN E 89 6.78 -19.58 -4.86
N ASP E 90 6.02 -19.93 -3.83
CA ASP E 90 4.65 -20.41 -4.01
C ASP E 90 3.69 -19.23 -3.98
N GLU E 91 2.80 -19.16 -4.97
CA GLU E 91 1.96 -17.99 -5.12
C GLU E 91 0.90 -17.89 -4.02
N GLU E 92 0.20 -18.99 -3.74
CA GLU E 92 -0.84 -18.96 -2.72
C GLU E 92 -0.25 -18.85 -1.32
N LEU E 93 0.88 -19.50 -1.06
CA LEU E 93 1.54 -19.34 0.23
C LEU E 93 2.12 -17.94 0.38
N ASN E 94 2.54 -17.32 -0.72
CA ASN E 94 3.01 -15.94 -0.64
C ASN E 94 1.85 -14.98 -0.40
N LYS E 95 0.67 -15.30 -0.91
CA LYS E 95 -0.50 -14.47 -0.64
C LYS E 95 -0.99 -14.65 0.80
N LEU E 96 -0.91 -15.88 1.32
CA LEU E 96 -1.33 -16.13 2.69
C LEU E 96 -0.45 -15.39 3.69
N LEU E 97 0.87 -15.51 3.54
CA LEU E 97 1.83 -14.80 4.38
C LEU E 97 2.28 -13.50 3.73
N GLY E 98 1.32 -12.71 3.27
CA GLY E 98 1.66 -11.48 2.57
C GLY E 98 2.32 -10.45 3.45
N ARG E 99 1.76 -10.24 4.65
CA ARG E 99 2.25 -9.24 5.59
C ARG E 99 3.10 -9.84 6.69
N VAL E 100 3.74 -10.98 6.42
CA VAL E 100 4.53 -11.71 7.41
C VAL E 100 6.01 -11.55 7.07
N THR E 101 6.80 -11.21 8.07
CA THR E 101 8.25 -11.12 7.95
C THR E 101 8.89 -12.33 8.61
N ILE E 102 9.60 -13.12 7.82
CA ILE E 102 10.35 -14.27 8.33
C ILE E 102 11.77 -13.82 8.65
N ALA E 103 12.20 -14.03 9.88
CA ALA E 103 13.51 -13.56 10.32
C ALA E 103 14.61 -14.46 9.78
N GLN E 104 15.73 -13.84 9.40
CA GLN E 104 16.88 -14.55 8.81
C GLN E 104 16.48 -15.30 7.55
N GLY E 105 15.53 -14.76 6.80
CA GLY E 105 15.06 -15.43 5.60
C GLY E 105 15.59 -14.85 4.31
N GLY E 106 16.01 -13.59 4.35
CA GLY E 106 16.51 -12.97 3.15
C GLY E 106 15.41 -12.64 2.15
N VAL E 107 15.82 -12.43 0.90
CA VAL E 107 14.92 -12.09 -0.19
C VAL E 107 15.19 -13.02 -1.36
N LEU E 108 14.23 -13.07 -2.28
CA LEU E 108 14.41 -13.83 -3.51
C LEU E 108 15.41 -13.12 -4.43
N PRO E 109 16.33 -13.85 -5.05
CA PRO E 109 17.28 -13.21 -5.97
C PRO E 109 16.60 -12.73 -7.23
N ASN E 110 16.45 -11.41 -7.37
CA ASN E 110 15.73 -10.81 -8.49
C ASN E 110 16.39 -9.49 -8.84
N ILE E 111 16.89 -9.37 -10.06
CA ILE E 111 17.49 -8.14 -10.57
C ILE E 111 16.68 -7.69 -11.77
N GLN E 112 16.30 -6.41 -11.78
CA GLN E 112 15.54 -5.86 -12.88
C GLN E 112 16.35 -5.90 -14.17
N SER E 113 15.66 -6.12 -15.29
CA SER E 113 16.34 -6.34 -16.56
C SER E 113 17.11 -5.10 -17.02
N VAL E 114 16.50 -3.92 -16.89
CA VAL E 114 17.13 -2.69 -17.34
C VAL E 114 18.42 -2.37 -16.60
N LEU E 115 18.67 -3.01 -15.47
CA LEU E 115 19.91 -2.82 -14.73
C LEU E 115 21.02 -3.75 -15.18
N LEU E 116 20.71 -4.72 -16.02
CA LEU E 116 21.72 -5.66 -16.51
C LEU E 116 22.57 -5.01 -17.59
N PRO E 117 23.83 -5.44 -17.74
CA PRO E 117 24.74 -4.79 -18.68
C PRO E 117 24.34 -5.06 -20.12
N LYS E 118 24.10 -3.99 -20.88
CA LYS E 118 23.78 -4.10 -22.29
C LYS E 118 24.68 -3.18 -23.12
N THR F 29 8.58 -22.63 34.64
CA THR F 29 7.68 -23.76 34.48
C THR F 29 7.86 -24.41 33.11
N ARG F 30 6.81 -25.03 32.59
CA ARG F 30 6.85 -25.69 31.30
C ARG F 30 6.01 -24.90 30.30
N LYS F 31 6.57 -24.67 29.12
CA LYS F 31 5.91 -23.92 28.06
C LYS F 31 5.61 -24.88 26.91
N GLU F 32 4.34 -24.91 26.49
CA GLU F 32 3.90 -25.81 25.43
C GLU F 32 4.12 -25.18 24.06
N SER F 33 4.31 -26.03 23.05
CA SER F 33 4.47 -25.58 21.68
C SER F 33 3.95 -26.69 20.75
N TYR F 34 4.13 -26.47 19.45
CA TYR F 34 3.73 -27.43 18.44
C TYR F 34 4.93 -28.17 17.85
N ALA F 35 6.07 -28.16 18.55
CA ALA F 35 7.31 -28.65 17.96
C ALA F 35 7.22 -30.13 17.59
N ILE F 36 6.69 -30.96 18.50
CA ILE F 36 6.69 -32.40 18.27
C ILE F 36 5.80 -32.76 17.09
N TYR F 37 4.67 -32.09 16.95
CA TYR F 37 3.75 -32.42 15.86
C TYR F 37 4.30 -31.95 14.52
N VAL F 38 4.94 -30.78 14.49
CA VAL F 38 5.61 -30.32 13.28
C VAL F 38 6.73 -31.28 12.90
N TYR F 39 7.44 -31.81 13.90
CA TYR F 39 8.50 -32.77 13.63
C TYR F 39 7.94 -34.07 13.06
N LYS F 40 6.79 -34.53 13.58
CA LYS F 40 6.16 -35.73 13.04
C LYS F 40 5.72 -35.51 11.59
N VAL F 41 5.13 -34.35 11.31
CA VAL F 41 4.72 -34.06 9.94
C VAL F 41 5.93 -34.01 9.01
N LEU F 42 7.03 -33.41 9.48
CA LEU F 42 8.25 -33.34 8.69
C LEU F 42 8.79 -34.73 8.39
N LYS F 43 8.83 -35.61 9.40
CA LYS F 43 9.28 -36.97 9.19
C LYS F 43 8.32 -37.77 8.32
N GLN F 44 7.07 -37.34 8.19
CA GLN F 44 6.19 -37.98 7.21
C GLN F 44 6.48 -37.49 5.79
N VAL F 45 6.66 -36.19 5.59
CA VAL F 45 6.83 -35.68 4.23
C VAL F 45 8.26 -35.90 3.74
N HIS F 46 9.25 -35.63 4.58
CA HIS F 46 10.66 -35.83 4.25
C HIS F 46 11.29 -36.65 5.36
N PRO F 47 11.27 -37.98 5.24
CA PRO F 47 11.64 -38.84 6.38
C PRO F 47 13.13 -38.83 6.72
N ASP F 48 13.95 -38.04 6.03
CA ASP F 48 15.36 -37.95 6.36
C ASP F 48 15.84 -36.51 6.55
N THR F 49 14.95 -35.53 6.40
CA THR F 49 15.30 -34.12 6.55
C THR F 49 15.07 -33.67 7.99
N GLY F 50 16.06 -32.99 8.56
CA GLY F 50 15.92 -32.39 9.87
C GLY F 50 15.45 -30.96 9.80
N ILE F 51 15.50 -30.28 10.94
CA ILE F 51 15.08 -28.89 11.04
C ILE F 51 15.82 -28.25 12.20
N SER F 52 16.27 -27.01 12.01
CA SER F 52 16.95 -26.26 13.04
C SER F 52 15.95 -25.70 14.04
N SER F 53 16.47 -25.08 15.11
CA SER F 53 15.60 -24.54 16.14
C SER F 53 14.94 -23.24 15.70
N LYS F 54 15.65 -22.40 14.95
CA LYS F 54 15.06 -21.15 14.47
C LYS F 54 13.92 -21.42 13.51
N ALA F 55 14.10 -22.37 12.59
CA ALA F 55 13.04 -22.73 11.66
C ALA F 55 11.84 -23.31 12.41
N MET F 56 12.09 -24.13 13.43
CA MET F 56 10.99 -24.66 14.23
C MET F 56 10.25 -23.54 14.96
N SER F 57 10.97 -22.55 15.47
CA SER F 57 10.32 -21.41 16.09
C SER F 57 9.44 -20.66 15.09
N ILE F 58 9.93 -20.51 13.86
CA ILE F 58 9.14 -19.84 12.81
C ILE F 58 7.88 -20.66 12.51
N MET F 59 8.01 -21.99 12.45
CA MET F 59 6.84 -22.83 12.20
C MET F 59 5.83 -22.73 13.35
N ASN F 60 6.32 -22.63 14.59
CA ASN F 60 5.42 -22.47 15.72
C ASN F 60 4.67 -21.14 15.64
N SER F 61 5.37 -20.07 15.28
CA SER F 61 4.72 -18.78 15.07
C SER F 61 3.67 -18.86 13.96
N PHE F 62 4.00 -19.58 12.88
CA PHE F 62 3.05 -19.74 11.78
C PHE F 62 1.80 -20.47 12.23
N VAL F 63 1.97 -21.56 12.99
CA VAL F 63 0.82 -22.32 13.46
C VAL F 63 -0.06 -21.47 14.37
N ASN F 64 0.57 -20.72 15.30
CA ASN F 64 -0.20 -19.86 16.19
C ASN F 64 -0.94 -18.79 15.40
N ASP F 65 -0.29 -18.18 14.40
CA ASP F 65 -0.93 -17.13 13.62
C ASP F 65 -2.14 -17.66 12.87
N VAL F 66 -1.99 -18.82 12.22
CA VAL F 66 -3.12 -19.39 11.47
C VAL F 66 -4.25 -19.76 12.41
N PHE F 67 -3.92 -20.38 13.55
CA PHE F 67 -4.93 -20.72 14.55
C PHE F 67 -5.71 -19.47 14.97
N GLU F 68 -5.00 -18.38 15.24
CA GLU F 68 -5.67 -17.17 15.71
C GLU F 68 -6.55 -16.56 14.62
N ARG F 69 -6.06 -16.53 13.38
CA ARG F 69 -6.87 -15.99 12.29
C ARG F 69 -8.15 -16.79 12.11
N ILE F 70 -8.04 -18.12 12.07
CA ILE F 70 -9.21 -18.95 11.81
C ILE F 70 -10.19 -18.88 12.97
N ALA F 71 -9.69 -18.94 14.21
CA ALA F 71 -10.58 -18.86 15.35
C ALA F 71 -11.29 -17.51 15.42
N GLY F 72 -10.57 -16.42 15.14
CA GLY F 72 -11.21 -15.11 15.16
C GLY F 72 -12.28 -14.98 14.10
N GLU F 73 -12.00 -15.44 12.88
CA GLU F 73 -13.01 -15.39 11.83
C GLU F 73 -14.22 -16.25 12.17
N ALA F 74 -13.99 -17.42 12.77
CA ALA F 74 -15.09 -18.29 13.16
C ALA F 74 -15.94 -17.64 14.26
N SER F 75 -15.29 -17.00 15.22
CA SER F 75 -16.02 -16.28 16.27
C SER F 75 -16.85 -15.16 15.68
N ARG F 76 -16.28 -14.41 14.74
CA ARG F 76 -17.03 -13.34 14.09
C ARG F 76 -18.24 -13.90 13.34
N LEU F 77 -18.05 -15.01 12.63
CA LEU F 77 -19.15 -15.65 11.92
C LEU F 77 -20.25 -16.10 12.87
N ALA F 78 -19.87 -16.69 14.00
CA ALA F 78 -20.86 -17.13 14.98
C ALA F 78 -21.64 -15.95 15.53
N HIS F 79 -20.95 -14.86 15.88
CA HIS F 79 -21.63 -13.69 16.40
C HIS F 79 -22.57 -13.08 15.36
N TYR F 80 -22.16 -13.07 14.08
CA TYR F 80 -22.99 -12.48 13.04
C TYR F 80 -24.36 -13.15 12.94
N ASN F 81 -24.42 -14.45 13.19
CA ASN F 81 -25.65 -15.21 13.03
C ASN F 81 -26.39 -15.45 14.34
N LYS F 82 -26.00 -14.77 15.41
CA LYS F 82 -26.64 -14.90 16.72
C LYS F 82 -26.64 -16.35 17.19
N ARG F 83 -25.43 -16.92 17.30
CA ARG F 83 -25.27 -18.29 17.74
C ARG F 83 -24.15 -18.35 18.76
N SER F 84 -24.31 -19.25 19.73
CA SER F 84 -23.38 -19.37 20.84
C SER F 84 -22.30 -20.43 20.64
N THR F 85 -22.42 -21.27 19.61
CA THR F 85 -21.54 -22.40 19.43
C THR F 85 -20.66 -22.21 18.20
N ILE F 86 -19.38 -22.54 18.35
CA ILE F 86 -18.46 -22.63 17.23
C ILE F 86 -18.43 -24.08 16.78
N THR F 87 -19.12 -24.39 15.69
CA THR F 87 -19.18 -25.74 15.16
C THR F 87 -18.09 -25.90 14.10
N SER F 88 -18.10 -27.03 13.39
CA SER F 88 -17.16 -27.23 12.30
C SER F 88 -17.57 -26.47 11.04
N ARG F 89 -18.84 -26.08 10.94
CA ARG F 89 -19.27 -25.25 9.82
C ARG F 89 -18.66 -23.85 9.89
N GLU F 90 -18.56 -23.30 11.11
CA GLU F 90 -17.87 -22.03 11.28
C GLU F 90 -16.41 -22.14 10.86
N ILE F 91 -15.75 -23.23 11.25
CA ILE F 91 -14.36 -23.44 10.86
C ILE F 91 -14.23 -23.55 9.35
N GLN F 92 -15.13 -24.29 8.72
CA GLN F 92 -15.08 -24.46 7.27
C GLN F 92 -15.27 -23.13 6.55
N THR F 93 -16.26 -22.34 6.99
CA THR F 93 -16.49 -21.04 6.36
C THR F 93 -15.32 -20.09 6.59
N ALA F 94 -14.72 -20.12 7.78
CA ALA F 94 -13.55 -19.29 8.03
C ALA F 94 -12.38 -19.71 7.15
N VAL F 95 -12.21 -21.02 6.95
CA VAL F 95 -11.14 -21.50 6.08
C VAL F 95 -11.36 -21.08 4.64
N ARG F 96 -12.63 -21.12 4.18
CA ARG F 96 -12.92 -20.66 2.84
C ARG F 96 -12.73 -19.15 2.71
N LEU F 97 -12.94 -18.40 3.79
CA LEU F 97 -12.76 -16.95 3.75
C LEU F 97 -11.29 -16.54 3.80
N LEU F 98 -10.46 -17.31 4.51
CA LEU F 98 -9.07 -16.92 4.74
C LEU F 98 -8.08 -17.56 3.78
N LEU F 99 -8.41 -18.72 3.19
CA LEU F 99 -7.33 -19.29 2.38
C LEU F 99 -7.56 -19.02 0.91
N PRO F 100 -6.48 -18.79 0.15
CA PRO F 100 -6.62 -18.51 -1.28
C PRO F 100 -6.76 -19.77 -2.12
N GLY F 101 -7.71 -19.72 -3.06
CA GLY F 101 -7.83 -20.70 -4.13
C GLY F 101 -7.74 -22.17 -3.77
N GLU F 102 -6.72 -22.85 -4.28
CA GLU F 102 -6.60 -24.29 -4.09
C GLU F 102 -6.32 -24.66 -2.64
N LEU F 103 -5.69 -23.76 -1.88
CA LEU F 103 -5.46 -24.04 -0.47
C LEU F 103 -6.77 -24.24 0.28
N ALA F 104 -7.75 -23.38 -0.01
CA ALA F 104 -9.06 -23.51 0.63
C ALA F 104 -9.71 -24.85 0.28
N LYS F 105 -9.67 -25.24 -0.99
CA LYS F 105 -10.28 -26.50 -1.41
C LYS F 105 -9.63 -27.69 -0.72
N HIS F 106 -8.29 -27.73 -0.72
CA HIS F 106 -7.60 -28.86 -0.12
C HIS F 106 -7.80 -28.89 1.39
N ALA F 107 -7.79 -27.73 2.05
CA ALA F 107 -7.99 -27.68 3.49
C ALA F 107 -9.39 -28.14 3.86
N VAL F 108 -10.40 -27.71 3.09
CA VAL F 108 -11.76 -28.18 3.32
C VAL F 108 -11.84 -29.69 3.14
N SER F 109 -11.16 -30.22 2.12
CA SER F 109 -11.16 -31.66 1.91
C SER F 109 -10.57 -32.40 3.11
N GLU F 110 -9.43 -31.94 3.61
CA GLU F 110 -8.81 -32.59 4.76
C GLU F 110 -9.70 -32.48 6.00
N GLY F 111 -10.30 -31.32 6.23
CA GLY F 111 -11.16 -31.16 7.39
C GLY F 111 -12.37 -32.06 7.33
N THR F 112 -13.02 -32.15 6.17
CA THR F 112 -14.17 -33.03 6.02
C THR F 112 -13.78 -34.49 6.21
N LYS F 113 -12.64 -34.90 5.64
CA LYS F 113 -12.19 -36.28 5.81
C LYS F 113 -11.91 -36.59 7.27
N ALA F 114 -11.27 -35.66 7.98
CA ALA F 114 -10.96 -35.89 9.40
C ALA F 114 -12.23 -35.97 10.23
N VAL F 115 -13.21 -35.09 9.97
CA VAL F 115 -14.45 -35.12 10.72
C VAL F 115 -15.20 -36.42 10.46
N THR F 116 -15.27 -36.85 9.19
CA THR F 116 -15.95 -38.09 8.87
C THR F 116 -15.29 -39.29 9.53
N LYS F 117 -13.95 -39.34 9.50
CA LYS F 117 -13.25 -40.45 10.14
C LYS F 117 -13.43 -40.43 11.65
N TYR F 118 -13.48 -39.24 12.25
CA TYR F 118 -13.65 -39.14 13.69
C TYR F 118 -15.05 -39.57 14.11
N THR F 119 -16.07 -39.19 13.35
CA THR F 119 -17.43 -39.57 13.72
C THR F 119 -17.70 -41.04 13.45
N SER F 120 -17.23 -41.56 12.31
CA SER F 120 -17.47 -42.97 11.98
C SER F 120 -16.80 -43.88 13.01
N ALA F 121 -15.57 -43.57 13.40
CA ALA F 121 -14.87 -44.35 14.40
C ALA F 121 -15.48 -44.15 15.79
N GLU I 7 66.28 7.68 2.29
CA GLU I 7 66.89 7.26 1.03
C GLU I 7 66.66 5.78 0.77
N PHE I 8 67.35 4.93 1.53
CA PHE I 8 67.23 3.47 1.40
C PHE I 8 67.20 2.88 2.80
N ALA I 9 66.00 2.72 3.34
CA ALA I 9 65.82 2.13 4.67
C ALA I 9 64.52 1.35 4.69
N LEU I 10 64.43 0.43 5.64
CA LEU I 10 63.22 -0.38 5.79
C LEU I 10 62.06 0.51 6.22
N GLY I 11 60.99 0.52 5.41
CA GLY I 11 59.82 1.31 5.68
C GLY I 11 59.87 2.71 5.11
N GLY I 12 61.05 3.20 4.76
CA GLY I 12 61.15 4.52 4.17
C GLY I 12 60.67 4.55 2.73
N ARG I 13 60.26 5.72 2.29
CA ARG I 13 59.78 5.90 0.93
C ARG I 13 60.95 5.90 -0.06
N CYS I 14 60.70 5.34 -1.24
CA CYS I 14 61.70 5.32 -2.30
C CYS I 14 60.98 5.52 -3.63
N LEU I 15 61.76 5.80 -4.66
CA LEU I 15 61.22 5.94 -6.01
C LEU I 15 61.69 4.76 -6.87
N ALA I 16 60.97 4.52 -7.96
CA ALA I 16 61.29 3.37 -8.79
C ALA I 16 60.89 3.65 -10.23
N PHE I 17 61.76 3.30 -11.16
CA PHE I 17 61.53 3.46 -12.58
C PHE I 17 60.68 2.32 -13.13
N HIS I 18 59.97 2.60 -14.21
CA HIS I 18 59.32 1.58 -15.02
C HIS I 18 59.18 2.17 -16.43
N GLY I 19 60.04 1.73 -17.34
CA GLY I 19 60.05 2.30 -18.67
C GLY I 19 60.28 3.79 -18.62
N PRO I 20 59.40 4.56 -19.28
CA PRO I 20 59.51 6.03 -19.24
C PRO I 20 58.79 6.71 -18.10
N LEU I 21 58.35 6.00 -17.06
CA LEU I 21 57.61 6.62 -15.97
C LEU I 21 58.21 6.20 -14.65
N MET I 22 57.78 6.87 -13.58
CA MET I 22 58.33 6.64 -12.25
C MET I 22 57.23 6.66 -11.20
N TYR I 23 57.42 5.89 -10.13
CA TYR I 23 56.40 5.75 -9.10
C TYR I 23 57.01 5.62 -7.72
N GLU I 24 56.26 6.04 -6.72
CA GLU I 24 56.66 6.02 -5.32
C GLU I 24 56.31 4.65 -4.73
N ALA I 25 57.26 4.08 -3.98
CA ALA I 25 57.07 2.77 -3.37
C ALA I 25 57.57 2.80 -1.94
N LYS I 26 57.16 1.77 -1.19
CA LYS I 26 57.56 1.58 0.20
C LYS I 26 58.39 0.31 0.29
N ILE I 27 59.54 0.43 0.94
CA ILE I 27 60.49 -0.68 1.08
C ILE I 27 60.06 -1.55 2.25
N LEU I 28 60.19 -2.86 2.07
CA LEU I 28 59.93 -3.82 3.14
C LEU I 28 61.05 -4.81 3.37
N LYS I 29 61.87 -5.11 2.35
CA LYS I 29 62.99 -6.02 2.50
C LYS I 29 64.21 -5.40 1.82
N ILE I 30 65.28 -5.21 2.59
CA ILE I 30 66.56 -4.72 2.06
C ILE I 30 67.54 -5.88 1.99
N TRP I 31 68.22 -5.99 0.86
CA TRP I 31 69.00 -7.17 0.53
C TRP I 31 70.48 -6.98 0.86
N ASP I 32 71.08 -8.00 1.48
CA ASP I 32 72.54 -8.09 1.61
C ASP I 32 72.97 -9.33 0.85
N PRO I 33 73.67 -9.18 -0.28
CA PRO I 33 74.01 -10.36 -1.09
C PRO I 33 75.08 -11.23 -0.47
N SER I 34 76.12 -10.64 0.13
CA SER I 34 77.21 -11.44 0.66
C SER I 34 76.72 -12.43 1.71
N SER I 35 75.73 -12.05 2.51
CA SER I 35 75.07 -12.98 3.42
C SER I 35 73.82 -13.60 2.82
N LYS I 36 73.43 -13.18 1.62
CA LYS I 36 72.27 -13.72 0.91
C LYS I 36 71.00 -13.63 1.76
N MET I 37 70.86 -12.54 2.51
CA MET I 37 69.73 -12.40 3.42
C MET I 37 69.04 -11.06 3.23
N TYR I 38 67.71 -11.07 3.29
CA TYR I 38 66.94 -9.84 3.30
C TYR I 38 66.51 -9.51 4.72
N THR I 39 66.48 -8.22 5.03
CA THR I 39 65.96 -7.74 6.31
C THR I 39 64.57 -7.15 6.07
N SER I 40 63.61 -7.57 6.89
CA SER I 40 62.20 -7.30 6.63
C SER I 40 61.52 -6.76 7.89
N ILE I 41 60.49 -5.96 7.68
CA ILE I 41 59.64 -5.46 8.76
C ILE I 41 58.21 -5.89 8.50
N PRO I 42 57.48 -6.37 9.53
CA PRO I 42 56.08 -6.80 9.39
C PRO I 42 55.16 -5.67 8.94
N LYS I 57 65.63 -7.71 10.90
CA LYS I 57 65.31 -9.14 10.88
C LYS I 57 65.96 -9.83 9.70
N PRO I 58 67.20 -10.26 9.87
CA PRO I 58 67.90 -10.95 8.78
C PRO I 58 67.36 -12.34 8.53
N GLN I 59 66.74 -12.57 7.37
CA GLN I 59 66.21 -13.88 7.02
C GLN I 59 66.62 -14.24 5.59
N LYS I 60 66.83 -15.53 5.38
CA LYS I 60 67.26 -16.03 4.08
C LYS I 60 66.13 -15.92 3.06
N LEU I 61 66.45 -16.26 1.82
CA LEU I 61 65.44 -16.36 0.78
C LEU I 61 64.41 -17.43 1.16
N GLY I 62 63.13 -17.10 1.04
CA GLY I 62 62.07 -17.94 1.54
C GLY I 62 61.68 -19.05 0.57
N GLU I 63 60.67 -19.83 0.98
CA GLU I 63 60.18 -20.91 0.17
C GLU I 63 59.53 -20.42 -1.12
N ASP I 64 59.04 -19.17 -1.14
CA ASP I 64 58.52 -18.56 -2.35
C ASP I 64 59.26 -17.30 -2.77
N GLU I 65 60.00 -16.67 -1.86
CA GLU I 65 60.77 -15.48 -2.20
C GLU I 65 62.01 -15.88 -2.97
N SER I 66 62.27 -15.20 -4.08
CA SER I 66 63.44 -15.47 -4.90
C SER I 66 63.71 -14.27 -5.78
N ILE I 67 65.00 -14.03 -6.05
CA ILE I 67 65.41 -12.93 -6.89
C ILE I 67 66.24 -13.49 -8.05
N PRO I 68 66.16 -12.89 -9.25
CA PRO I 68 67.00 -13.36 -10.35
C PRO I 68 68.47 -13.07 -10.08
N GLU I 69 69.33 -13.84 -10.76
CA GLU I 69 70.76 -13.81 -10.45
C GLU I 69 71.42 -12.49 -10.83
N GLU I 70 70.88 -11.75 -11.80
CA GLU I 70 71.50 -10.49 -12.18
C GLU I 70 71.26 -9.38 -11.16
N ILE I 71 70.38 -9.59 -10.19
CA ILE I 71 70.13 -8.61 -9.14
C ILE I 71 70.24 -9.20 -7.74
N ILE I 72 70.44 -10.52 -7.62
CA ILE I 72 70.57 -11.13 -6.31
C ILE I 72 71.91 -10.81 -5.67
N ASN I 73 72.90 -10.38 -6.45
CA ASN I 73 74.22 -10.04 -5.94
C ASN I 73 74.40 -8.55 -5.72
N GLY I 74 73.39 -7.73 -6.02
CA GLY I 74 73.42 -6.31 -5.76
C GLY I 74 72.48 -5.93 -4.63
N LYS I 75 72.57 -4.66 -4.23
CA LYS I 75 71.73 -4.14 -3.15
C LYS I 75 70.30 -4.03 -3.67
N CYS I 76 69.48 -5.02 -3.35
CA CYS I 76 68.11 -5.11 -3.84
C CYS I 76 67.14 -4.61 -2.78
N PHE I 77 65.90 -4.39 -3.20
CA PHE I 77 64.85 -3.90 -2.33
C PHE I 77 63.52 -4.51 -2.76
N PHE I 78 62.81 -5.11 -1.81
CA PHE I 78 61.47 -5.63 -2.05
C PHE I 78 60.47 -4.54 -1.68
N ILE I 79 59.81 -3.98 -2.69
CA ILE I 79 58.99 -2.79 -2.49
C ILE I 79 57.55 -3.06 -2.91
N HIS I 80 56.65 -2.29 -2.32
CA HIS I 80 55.23 -2.27 -2.66
C HIS I 80 54.88 -0.86 -3.11
N TYR I 81 54.29 -0.75 -4.30
CA TYR I 81 54.08 0.56 -4.90
C TYR I 81 52.81 1.21 -4.35
N GLN I 82 52.92 2.50 -4.03
CA GLN I 82 51.81 3.26 -3.47
C GLN I 82 50.79 3.56 -4.56
N GLY I 83 49.53 3.22 -4.30
CA GLY I 83 48.48 3.37 -5.29
C GLY I 83 48.25 2.17 -6.17
N TRP I 84 48.93 1.06 -5.90
CA TRP I 84 48.78 -0.17 -6.67
C TRP I 84 48.57 -1.33 -5.72
N LYS I 85 47.78 -2.30 -6.15
CA LYS I 85 47.36 -3.41 -5.30
C LYS I 85 48.57 -4.17 -4.76
N SER I 86 48.34 -4.90 -3.67
CA SER I 86 49.42 -5.63 -3.00
C SER I 86 49.87 -6.87 -3.75
N SER I 87 49.28 -7.17 -4.91
CA SER I 87 49.69 -8.30 -5.73
C SER I 87 50.87 -7.98 -6.63
N TRP I 88 51.25 -6.71 -6.74
CA TRP I 88 52.27 -6.24 -7.67
C TRP I 88 53.55 -5.82 -6.96
N ASP I 89 53.89 -6.46 -5.84
CA ASP I 89 55.14 -6.18 -5.15
C ASP I 89 56.32 -6.62 -6.01
N GLU I 90 57.42 -5.87 -5.96
CA GLU I 90 58.51 -6.12 -6.88
C GLU I 90 59.86 -6.08 -6.16
N TRP I 91 60.75 -7.00 -6.55
CA TRP I 91 62.13 -7.05 -6.08
C TRP I 91 62.98 -6.28 -7.09
N VAL I 92 63.30 -5.02 -6.79
CA VAL I 92 64.03 -4.15 -7.69
C VAL I 92 65.44 -3.98 -7.17
N GLY I 93 66.43 -4.12 -8.06
CA GLY I 93 67.80 -3.91 -7.69
C GLY I 93 68.12 -2.45 -7.49
N TYR I 94 69.38 -2.19 -7.16
CA TYR I 94 69.86 -0.82 -6.97
C TYR I 94 69.93 -0.03 -8.27
N ASP I 95 69.55 -0.64 -9.40
CA ASP I 95 69.68 0.03 -10.69
C ASP I 95 68.60 1.08 -10.91
N ARG I 96 67.36 0.80 -10.48
CA ARG I 96 66.24 1.71 -10.71
C ARG I 96 65.90 2.55 -9.48
N ILE I 97 65.81 1.92 -8.31
CA ILE I 97 65.39 2.63 -7.11
C ILE I 97 66.39 3.73 -6.77
N ARG I 98 65.87 4.93 -6.55
CA ARG I 98 66.68 6.09 -6.17
C ARG I 98 66.29 6.55 -4.77
N ALA I 99 67.08 7.47 -4.23
CA ALA I 99 66.82 8.04 -2.91
C ALA I 99 65.69 9.06 -3.02
N TYR I 100 64.75 8.99 -2.08
CA TYR I 100 63.57 9.86 -2.11
C TYR I 100 63.98 11.29 -1.79
N ASN I 101 63.85 12.19 -2.75
CA ASN I 101 64.15 13.60 -2.57
C ASN I 101 63.18 14.42 -3.43
N GLU I 102 63.23 15.74 -3.26
CA GLU I 102 62.37 16.62 -4.06
C GLU I 102 62.82 16.66 -5.52
N GLU I 103 64.12 16.53 -5.77
CA GLU I 103 64.60 16.44 -7.15
C GLU I 103 64.04 15.20 -7.83
N ASN I 104 63.85 14.12 -7.08
CA ASN I 104 63.23 12.93 -7.65
C ASN I 104 61.78 13.19 -8.02
N ILE I 105 61.06 13.99 -7.23
CA ILE I 105 59.69 14.37 -7.60
C ILE I 105 59.70 15.29 -8.82
N ALA I 106 60.72 16.15 -8.93
CA ALA I 106 60.85 16.96 -10.14
C ALA I 106 61.07 16.07 -11.37
N MET I 107 61.85 15.01 -11.23
CA MET I 107 62.01 14.06 -12.34
C MET I 107 60.72 13.28 -12.59
N LYS I 108 59.97 12.99 -11.53
CA LYS I 108 58.65 12.38 -11.68
C LYS I 108 57.77 13.23 -12.57
N LYS I 109 57.73 14.54 -12.30
CA LYS I 109 56.96 15.45 -13.13
C LYS I 109 57.54 15.58 -14.53
N ARG I 110 58.87 15.48 -14.66
CA ARG I 110 59.50 15.48 -15.97
C ARG I 110 58.96 14.33 -16.82
N LEU I 111 58.98 13.12 -16.28
CA LEU I 111 58.47 11.97 -17.04
C LEU I 111 56.95 11.99 -17.18
N ALA I 112 56.25 12.58 -16.22
CA ALA I 112 54.81 12.76 -16.36
C ALA I 112 54.48 13.63 -17.55
N ASN I 113 55.17 14.78 -17.67
CA ASN I 113 54.98 15.64 -18.83
C ASN I 113 55.45 14.96 -20.11
N GLU I 114 56.50 14.15 -20.04
CA GLU I 114 56.94 13.39 -21.20
C GLU I 114 55.81 12.49 -21.71
N ALA I 115 55.20 11.71 -20.81
CA ALA I 115 54.10 10.83 -21.20
C ALA I 115 52.89 11.63 -21.67
N LYS I 116 52.60 12.76 -21.02
CA LYS I 116 51.46 13.58 -21.42
C LYS I 116 51.63 14.09 -22.85
N GLU I 117 52.79 14.67 -23.15
CA GLU I 117 53.05 15.14 -24.50
C GLU I 117 53.10 13.99 -25.49
N ALA I 118 53.60 12.83 -25.08
CA ALA I 118 53.62 11.69 -25.98
C ALA I 118 52.21 11.25 -26.37
N LYS I 119 51.30 11.18 -25.39
CA LYS I 119 49.92 10.81 -25.69
C LYS I 119 49.23 11.90 -26.51
N LYS I 120 49.51 13.17 -26.20
CA LYS I 120 48.91 14.26 -26.96
C LYS I 120 49.40 14.26 -28.41
N SER I 121 50.62 13.79 -28.65
CA SER I 121 51.09 13.60 -30.01
C SER I 121 50.44 12.39 -30.65
N LEU I 122 50.26 11.31 -29.88
CA LEU I 122 49.54 10.15 -30.38
C LEU I 122 48.16 10.52 -30.88
N LEU I 123 47.48 11.45 -30.20
CA LEU I 123 46.17 11.90 -30.65
C LEU I 123 46.28 13.11 -31.56
N GLU I 124 46.82 14.21 -31.06
CA GLU I 124 46.97 15.43 -31.85
C GLU I 124 48.40 15.63 -32.31
N GLU J 7 -35.47 20.75 -52.47
CA GLU J 7 -34.84 22.03 -52.77
C GLU J 7 -35.16 23.08 -51.70
N PHE J 8 -36.42 23.52 -51.65
CA PHE J 8 -36.86 24.54 -50.71
C PHE J 8 -38.15 24.07 -50.05
N ALA J 9 -38.05 23.52 -48.85
CA ALA J 9 -39.21 23.08 -48.10
C ALA J 9 -38.83 22.99 -46.63
N LEU J 10 -39.85 23.05 -45.77
CA LEU J 10 -39.61 22.92 -44.34
C LEU J 10 -39.03 21.55 -44.02
N GLY J 11 -37.96 21.53 -43.23
CA GLY J 11 -37.21 20.32 -42.98
C GLY J 11 -36.21 19.97 -44.05
N GLY J 12 -36.37 20.48 -45.27
CA GLY J 12 -35.44 20.18 -46.34
C GLY J 12 -34.15 20.97 -46.21
N ARG J 13 -33.10 20.42 -46.80
CA ARG J 13 -31.78 21.02 -46.77
C ARG J 13 -31.68 22.21 -47.73
N CYS J 14 -30.70 23.06 -47.47
CA CYS J 14 -30.40 24.18 -48.36
C CYS J 14 -28.91 24.50 -48.21
N LEU J 15 -28.39 25.28 -49.15
CA LEU J 15 -26.97 25.63 -49.17
C LEU J 15 -26.87 27.08 -49.62
N ALA J 16 -26.41 27.96 -48.72
CA ALA J 16 -26.48 29.39 -48.97
C ALA J 16 -25.10 30.04 -48.89
N PHE J 17 -24.91 31.09 -49.68
CA PHE J 17 -23.67 31.84 -49.69
C PHE J 17 -23.49 32.63 -48.40
N HIS J 18 -22.22 32.94 -48.10
CA HIS J 18 -21.86 33.96 -47.12
C HIS J 18 -20.48 34.48 -47.54
N GLY J 19 -20.47 35.55 -48.31
CA GLY J 19 -19.26 36.06 -48.90
C GLY J 19 -18.75 35.16 -50.01
N PRO J 20 -17.42 34.94 -50.06
CA PRO J 20 -16.85 34.13 -51.14
C PRO J 20 -16.89 32.63 -50.84
N LEU J 21 -17.70 32.24 -49.86
CA LEU J 21 -17.86 30.84 -49.50
C LEU J 21 -19.35 30.55 -49.35
N MET J 22 -19.68 29.28 -49.14
CA MET J 22 -21.03 28.86 -48.84
C MET J 22 -21.06 27.94 -47.64
N TYR J 23 -22.19 27.93 -46.95
CA TYR J 23 -22.44 27.05 -45.80
C TYR J 23 -23.79 26.38 -45.99
N GLU J 24 -23.88 25.11 -45.60
CA GLU J 24 -25.07 24.29 -45.78
C GLU J 24 -25.88 24.27 -44.49
N ALA J 25 -27.20 24.44 -44.61
CA ALA J 25 -28.06 24.60 -43.45
C ALA J 25 -29.35 23.81 -43.66
N LYS J 26 -30.09 23.65 -42.57
CA LYS J 26 -31.40 23.02 -42.55
C LYS J 26 -32.45 24.05 -42.13
N ILE J 27 -33.57 24.07 -42.83
CA ILE J 27 -34.56 25.14 -42.70
C ILE J 27 -35.59 24.78 -41.65
N LEU J 28 -36.20 25.82 -41.05
CA LEU J 28 -37.30 25.64 -40.11
C LEU J 28 -38.51 26.52 -40.36
N LYS J 29 -38.36 27.65 -41.05
CA LYS J 29 -39.46 28.59 -41.24
C LYS J 29 -39.54 29.02 -42.70
N ILE J 30 -40.76 29.03 -43.23
CA ILE J 30 -41.03 29.53 -44.59
C ILE J 30 -41.82 30.82 -44.45
N TRP J 31 -41.34 31.88 -45.10
CA TRP J 31 -41.94 33.19 -44.99
C TRP J 31 -42.96 33.42 -46.12
N ASP J 32 -43.95 34.25 -45.82
CA ASP J 32 -44.93 34.70 -46.81
C ASP J 32 -45.06 36.21 -46.65
N PRO J 33 -44.44 36.98 -47.54
CA PRO J 33 -44.53 38.45 -47.42
C PRO J 33 -45.89 38.99 -47.80
N SER J 34 -46.62 38.33 -48.71
CA SER J 34 -47.95 38.78 -49.07
C SER J 34 -48.88 38.74 -47.86
N SER J 35 -48.78 37.68 -47.06
CA SER J 35 -49.51 37.58 -45.80
C SER J 35 -48.68 38.02 -44.60
N LYS J 36 -47.38 38.24 -44.79
CA LYS J 36 -46.47 38.64 -43.71
C LYS J 36 -46.55 37.66 -42.53
N MET J 37 -46.36 36.39 -42.84
CA MET J 37 -46.48 35.34 -41.82
C MET J 37 -45.47 34.24 -42.11
N TYR J 38 -44.91 33.68 -41.04
CA TYR J 38 -44.01 32.54 -41.18
C TYR J 38 -44.71 31.25 -40.74
N THR J 39 -44.32 30.16 -41.39
CA THR J 39 -44.79 28.82 -41.06
C THR J 39 -43.61 28.00 -40.60
N SER J 40 -43.73 27.39 -39.42
CA SER J 40 -42.63 26.67 -38.79
C SER J 40 -43.11 25.28 -38.38
N ILE J 41 -42.16 24.47 -37.90
CA ILE J 41 -42.44 23.14 -37.40
C ILE J 41 -41.73 22.95 -36.06
N PRO J 42 -42.35 22.25 -35.09
CA PRO J 42 -41.75 22.01 -33.78
C PRO J 42 -40.47 21.17 -33.87
N LYS J 57 -47.37 26.20 -40.02
CA LYS J 57 -47.85 26.99 -38.89
C LYS J 57 -47.91 28.47 -39.24
N PRO J 58 -48.93 28.88 -40.00
CA PRO J 58 -49.08 30.30 -40.34
C PRO J 58 -49.20 31.15 -39.09
N GLN J 59 -48.21 32.01 -38.87
CA GLN J 59 -48.16 32.81 -37.65
C GLN J 59 -47.58 34.17 -37.97
N LYS J 60 -48.14 35.21 -37.35
CA LYS J 60 -47.62 36.56 -37.48
C LYS J 60 -46.16 36.62 -37.03
N LEU J 61 -45.48 37.69 -37.44
CA LEU J 61 -44.09 37.86 -37.09
C LEU J 61 -43.90 37.84 -35.58
N GLY J 62 -42.86 37.15 -35.13
CA GLY J 62 -42.68 36.92 -33.71
C GLY J 62 -42.30 38.19 -32.95
N GLU J 63 -42.53 38.14 -31.64
CA GLU J 63 -42.17 39.26 -30.79
C GLU J 63 -40.65 39.42 -30.70
N ASP J 64 -39.90 38.32 -30.74
CA ASP J 64 -38.45 38.37 -30.84
C ASP J 64 -37.95 38.04 -32.24
N GLU J 65 -38.83 37.57 -33.13
CA GLU J 65 -38.44 37.22 -34.48
C GLU J 65 -38.67 38.40 -35.42
N SER J 66 -37.72 38.61 -36.32
CA SER J 66 -37.80 39.68 -37.30
C SER J 66 -36.91 39.34 -38.48
N ILE J 67 -37.10 40.07 -39.58
CA ILE J 67 -36.30 39.88 -40.78
C ILE J 67 -35.76 41.25 -41.18
N PRO J 68 -34.54 41.34 -41.70
CA PRO J 68 -34.07 42.61 -42.27
C PRO J 68 -34.98 43.07 -43.39
N GLU J 69 -35.17 44.39 -43.48
CA GLU J 69 -36.17 44.97 -44.37
C GLU J 69 -35.88 44.70 -45.85
N GLU J 70 -34.66 44.29 -46.21
CA GLU J 70 -34.37 43.98 -47.60
C GLU J 70 -34.81 42.58 -48.00
N ILE J 71 -35.09 41.70 -47.04
CA ILE J 71 -35.55 40.35 -47.32
C ILE J 71 -36.84 40.00 -46.59
N ILE J 72 -37.38 40.90 -45.77
CA ILE J 72 -38.65 40.63 -45.13
C ILE J 72 -39.79 40.63 -46.14
N ASN J 73 -39.62 41.35 -47.25
CA ASN J 73 -40.62 41.40 -48.31
C ASN J 73 -40.39 40.34 -49.38
N GLY J 74 -39.30 39.57 -49.29
CA GLY J 74 -39.04 38.48 -50.19
C GLY J 74 -39.21 37.12 -49.53
N LYS J 75 -39.00 36.08 -50.33
CA LYS J 75 -39.12 34.71 -49.85
C LYS J 75 -37.94 34.36 -48.95
N CYS J 76 -38.11 34.55 -47.64
CA CYS J 76 -37.06 34.30 -46.67
C CYS J 76 -37.28 32.96 -45.98
N PHE J 77 -36.21 32.48 -45.34
CA PHE J 77 -36.25 31.21 -44.63
C PHE J 77 -35.32 31.30 -43.42
N PHE J 78 -35.73 30.67 -42.33
CA PHE J 78 -34.98 30.68 -41.08
C PHE J 78 -34.18 29.39 -41.00
N ILE J 79 -32.87 29.48 -41.19
CA ILE J 79 -32.02 28.30 -41.33
C ILE J 79 -31.13 28.15 -40.09
N HIS J 80 -30.79 26.90 -39.81
CA HIS J 80 -29.85 26.51 -38.77
C HIS J 80 -28.70 25.79 -39.44
N TYR J 81 -27.47 26.26 -39.18
CA TYR J 81 -26.33 25.77 -39.92
C TYR J 81 -25.80 24.47 -39.32
N GLN J 82 -25.29 23.60 -40.21
CA GLN J 82 -24.73 22.32 -39.80
C GLN J 82 -23.27 22.49 -39.45
N GLY J 83 -22.85 21.94 -38.31
CA GLY J 83 -21.54 22.19 -37.78
C GLY J 83 -21.44 23.43 -36.91
N TRP J 84 -22.50 24.21 -36.84
CA TRP J 84 -22.57 25.39 -35.99
C TRP J 84 -23.57 25.16 -34.86
N LYS J 85 -23.42 25.94 -33.79
CA LYS J 85 -24.28 25.77 -32.64
C LYS J 85 -25.69 26.30 -32.93
N SER J 86 -26.61 26.00 -32.02
CA SER J 86 -28.04 26.33 -32.13
C SER J 86 -28.33 27.81 -31.96
N SER J 87 -27.34 28.69 -31.89
CA SER J 87 -27.57 30.12 -31.71
C SER J 87 -27.30 30.95 -32.95
N TRP J 88 -26.69 30.36 -33.99
CA TRP J 88 -26.38 31.08 -35.22
C TRP J 88 -27.47 30.95 -36.26
N ASP J 89 -28.72 30.77 -35.83
CA ASP J 89 -29.84 30.69 -36.75
C ASP J 89 -30.02 32.01 -37.49
N GLU J 90 -30.16 31.96 -38.80
CA GLU J 90 -30.18 33.16 -39.62
C GLU J 90 -31.37 33.17 -40.56
N TRP J 91 -31.96 34.36 -40.76
CA TRP J 91 -33.01 34.57 -41.74
C TRP J 91 -32.37 34.98 -43.05
N VAL J 92 -32.35 34.07 -44.02
CA VAL J 92 -31.74 34.29 -45.32
C VAL J 92 -32.80 34.15 -46.40
N GLY J 93 -32.78 35.06 -47.37
CA GLY J 93 -33.75 35.05 -48.45
C GLY J 93 -33.32 34.17 -49.61
N TYR J 94 -34.10 34.25 -50.69
CA TYR J 94 -33.78 33.52 -51.92
C TYR J 94 -32.59 34.13 -52.65
N ASP J 95 -32.01 35.22 -52.14
CA ASP J 95 -30.83 35.80 -52.77
C ASP J 95 -29.61 34.90 -52.58
N ARG J 96 -29.49 34.27 -51.41
CA ARG J 96 -28.37 33.40 -51.09
C ARG J 96 -28.76 31.92 -51.00
N ILE J 97 -29.94 31.62 -50.48
CA ILE J 97 -30.38 30.24 -50.31
C ILE J 97 -30.60 29.64 -51.70
N ARG J 98 -29.73 28.71 -52.10
CA ARG J 98 -29.78 28.10 -53.41
C ARG J 98 -30.43 26.73 -53.33
N ALA J 99 -30.57 26.10 -54.50
CA ALA J 99 -31.20 24.78 -54.60
C ALA J 99 -30.16 23.70 -54.37
N TYR J 100 -30.36 22.90 -53.32
CA TYR J 100 -29.45 21.80 -53.02
C TYR J 100 -29.57 20.74 -54.12
N ASN J 101 -28.56 20.65 -54.98
CA ASN J 101 -28.56 19.72 -56.09
C ASN J 101 -27.13 19.22 -56.29
N GLU J 102 -26.91 18.48 -57.39
CA GLU J 102 -25.57 17.98 -57.67
C GLU J 102 -24.64 19.14 -58.04
N GLU J 103 -25.11 20.05 -58.89
CA GLU J 103 -24.32 21.24 -59.21
C GLU J 103 -24.05 22.07 -57.96
N ASN J 104 -24.98 22.07 -57.00
CA ASN J 104 -24.76 22.81 -55.76
C ASN J 104 -23.59 22.23 -54.98
N ILE J 105 -23.53 20.90 -54.87
CA ILE J 105 -22.39 20.26 -54.20
C ILE J 105 -21.11 20.53 -54.97
N ALA J 106 -21.19 20.54 -56.30
CA ALA J 106 -20.01 20.81 -57.11
C ALA J 106 -19.46 22.20 -56.86
N MET J 107 -20.32 23.22 -56.80
CA MET J 107 -19.81 24.57 -56.57
C MET J 107 -19.42 24.77 -55.12
N LYS J 108 -20.02 24.01 -54.20
CA LYS J 108 -19.53 23.98 -52.82
C LYS J 108 -18.07 23.55 -52.78
N LYS J 109 -17.77 22.41 -53.41
CA LYS J 109 -16.38 21.97 -53.50
C LYS J 109 -15.53 22.96 -54.29
N ARG J 110 -16.13 23.65 -55.26
CA ARG J 110 -15.38 24.63 -56.05
C ARG J 110 -14.89 25.79 -55.19
N LEU J 111 -15.79 26.41 -54.42
CA LEU J 111 -15.36 27.50 -53.57
C LEU J 111 -14.51 27.00 -52.41
N ALA J 112 -14.69 25.75 -51.98
CA ALA J 112 -13.76 25.18 -51.00
C ALA J 112 -12.35 25.10 -51.58
N ASN J 113 -12.24 24.65 -52.84
CA ASN J 113 -10.94 24.60 -53.49
C ASN J 113 -10.35 25.99 -53.68
N GLU J 114 -11.16 26.98 -54.04
CA GLU J 114 -10.64 28.32 -54.19
C GLU J 114 -10.21 28.91 -52.85
N ALA J 115 -10.93 28.58 -51.77
CA ALA J 115 -10.48 29.00 -50.44
C ALA J 115 -9.15 28.35 -50.08
N LYS J 116 -8.99 27.07 -50.41
CA LYS J 116 -7.71 26.40 -50.18
C LYS J 116 -6.59 27.08 -50.98
N GLU J 117 -6.88 27.44 -52.23
CA GLU J 117 -5.89 28.12 -53.06
C GLU J 117 -5.51 29.47 -52.47
N ALA J 118 -6.50 30.23 -52.00
CA ALA J 118 -6.23 31.52 -51.37
C ALA J 118 -5.40 31.35 -50.11
N LYS J 119 -5.69 30.31 -49.31
CA LYS J 119 -4.90 30.08 -48.10
C LYS J 119 -3.46 29.70 -48.46
N LYS J 120 -3.28 28.87 -49.49
CA LYS J 120 -1.93 28.52 -49.90
C LYS J 120 -1.18 29.72 -50.47
N SER J 121 -1.89 30.63 -51.15
CA SER J 121 -1.25 31.85 -51.62
C SER J 121 -0.89 32.78 -50.46
N LEU J 122 -1.71 32.78 -49.41
CA LEU J 122 -1.34 33.49 -48.18
C LEU J 122 -0.12 32.86 -47.52
N LEU J 123 0.04 31.54 -47.63
CA LEU J 123 1.16 30.84 -47.03
C LEU J 123 2.34 30.76 -47.99
N GLU J 124 2.14 30.12 -49.14
CA GLU J 124 3.20 29.96 -50.13
C GLU J 124 2.94 30.80 -51.37
N VAL K 35 53.90 2.48 -19.41
CA VAL K 35 52.91 1.84 -20.26
C VAL K 35 51.98 1.00 -19.38
N M3L K 36 52.31 0.91 -18.10
CA M3L K 36 51.52 0.16 -17.16
CB M3L K 36 52.24 -0.02 -15.81
CG M3L K 36 52.67 -1.45 -15.62
CD M3L K 36 53.71 -1.53 -14.52
CE M3L K 36 53.07 -0.97 -13.24
NZ M3L K 36 53.92 -0.83 -12.00
C M3L K 36 50.17 0.79 -16.83
O M3L K 36 50.01 1.96 -16.49
CM1 M3L K 36 54.40 -2.14 -11.47
CM2 M3L K 36 55.11 0.00 -12.29
CM3 M3L K 36 53.13 -0.13 -10.95
N LYS K 37 49.14 -0.05 -16.93
CA LYS K 37 47.80 0.38 -16.57
C LYS K 37 47.33 -0.42 -15.36
N PRO K 38 46.61 0.23 -14.46
CA PRO K 38 45.99 -0.48 -13.34
C PRO K 38 44.61 -0.99 -13.71
N HIS K 39 44.30 -2.19 -13.20
CA HIS K 39 43.01 -2.80 -13.47
C HIS K 39 41.92 -2.15 -12.62
N ARG K 40 40.78 -1.87 -13.25
CA ARG K 40 39.63 -1.36 -12.53
C ARG K 40 38.38 -1.62 -13.37
N TYR K 41 37.37 -2.20 -12.75
CA TYR K 41 36.14 -2.49 -13.46
C TYR K 41 35.42 -1.20 -13.84
N ARG K 42 34.45 -1.33 -14.71
CA ARG K 42 33.70 -0.17 -15.16
C ARG K 42 32.54 0.12 -14.22
N PRO K 43 32.02 1.36 -14.23
CA PRO K 43 30.95 1.70 -13.29
C PRO K 43 29.67 0.93 -13.54
N GLY K 44 29.32 0.05 -12.61
CA GLY K 44 28.11 -0.75 -12.72
C GLY K 44 28.37 -2.23 -12.63
N THR K 45 29.63 -2.63 -12.49
CA THR K 45 30.00 -4.04 -12.41
C THR K 45 30.08 -4.51 -10.96
N VAL K 46 30.84 -3.80 -10.13
CA VAL K 46 30.88 -4.10 -8.70
C VAL K 46 29.51 -3.93 -8.09
N ALA K 47 28.71 -2.98 -8.60
CA ALA K 47 27.35 -2.80 -8.09
C ALA K 47 26.50 -4.04 -8.32
N LEU K 48 26.56 -4.62 -9.53
CA LEU K 48 25.81 -5.84 -9.79
C LEU K 48 26.36 -7.01 -9.01
N ARG K 49 27.68 -7.07 -8.84
CA ARG K 49 28.28 -8.11 -8.01
C ARG K 49 27.74 -8.05 -6.58
N GLU K 50 27.61 -6.83 -6.04
CA GLU K 50 27.08 -6.66 -4.69
C GLU K 50 25.59 -6.97 -4.61
N ILE K 51 24.84 -6.61 -5.65
CA ILE K 51 23.41 -6.96 -5.68
C ILE K 51 23.25 -8.48 -5.66
N ARG K 52 24.10 -9.19 -6.39
CA ARG K 52 24.03 -10.65 -6.36
C ARG K 52 24.51 -11.21 -5.02
N ARG K 53 25.50 -10.58 -4.41
CA ARG K 53 26.03 -11.08 -3.14
C ARG K 53 24.99 -10.94 -2.02
N TYR K 54 24.36 -9.77 -1.92
CA TYR K 54 23.49 -9.49 -0.78
C TYR K 54 22.06 -10.00 -0.98
N GLN K 55 21.67 -10.36 -2.20
CA GLN K 55 20.42 -11.06 -2.41
C GLN K 55 20.54 -12.55 -2.23
N LYS K 56 21.73 -13.03 -1.86
CA LYS K 56 21.99 -14.44 -1.64
C LYS K 56 22.14 -14.79 -0.16
N SER K 57 22.55 -13.86 0.67
CA SER K 57 22.75 -14.09 2.09
C SER K 57 21.57 -13.58 2.90
N THR K 58 21.56 -13.92 4.19
CA THR K 58 20.46 -13.55 5.08
C THR K 58 20.90 -12.81 6.33
N GLU K 59 22.18 -12.49 6.47
CA GLU K 59 22.64 -11.83 7.68
C GLU K 59 22.17 -10.38 7.72
N LEU K 60 22.14 -9.82 8.92
CA LEU K 60 21.77 -8.42 9.09
C LEU K 60 22.88 -7.52 8.56
N LEU K 61 22.49 -6.34 8.07
CA LEU K 61 23.39 -5.47 7.35
C LEU K 61 23.82 -4.24 8.14
N ILE K 62 23.08 -3.84 9.15
CA ILE K 62 23.44 -2.70 9.99
C ILE K 62 24.28 -3.20 11.16
N ARG K 63 25.22 -2.37 11.59
CA ARG K 63 26.03 -2.72 12.75
C ARG K 63 25.17 -2.73 14.02
N LYS K 64 25.56 -3.58 14.97
CA LYS K 64 24.68 -3.88 16.10
C LYS K 64 24.71 -2.79 17.16
N LEU K 65 25.89 -2.41 17.62
CA LEU K 65 25.97 -1.37 18.66
C LEU K 65 25.41 -0.02 18.21
N PRO K 66 25.71 0.51 17.01
CA PRO K 66 25.06 1.77 16.62
C PRO K 66 23.55 1.69 16.59
N PHE K 67 22.98 0.61 16.06
CA PHE K 67 21.53 0.47 16.05
C PHE K 67 20.96 0.35 17.45
N GLN K 68 21.69 -0.33 18.35
CA GLN K 68 21.24 -0.44 19.74
C GLN K 68 21.23 0.93 20.40
N ARG K 69 22.25 1.75 20.15
CA ARG K 69 22.28 3.09 20.72
C ARG K 69 21.16 3.95 20.13
N LEU K 70 20.88 3.81 18.83
CA LEU K 70 19.78 4.54 18.23
C LEU K 70 18.44 4.15 18.87
N VAL K 71 18.24 2.85 19.08
CA VAL K 71 17.00 2.37 19.70
C VAL K 71 16.87 2.92 21.12
N ARG K 72 17.95 2.85 21.89
CA ARG K 72 17.90 3.31 23.27
C ARG K 72 17.69 4.82 23.36
N GLU K 73 18.20 5.58 22.38
CA GLU K 73 17.96 7.01 22.39
C GLU K 73 16.53 7.34 22.00
N ILE K 74 15.99 6.66 20.98
CA ILE K 74 14.61 6.91 20.59
C ILE K 74 13.66 6.52 21.72
N ALA K 75 13.99 5.47 22.46
CA ALA K 75 13.15 5.06 23.59
C ALA K 75 13.48 5.88 24.83
N GLN K 76 13.51 7.19 24.70
CA GLN K 76 13.67 8.10 25.83
C GLN K 76 12.69 9.26 25.83
N ASP K 77 12.07 9.59 24.71
CA ASP K 77 10.95 10.51 24.70
C ASP K 77 9.66 9.85 25.17
N PHE K 78 9.72 8.57 25.52
CA PHE K 78 8.56 7.81 25.98
C PHE K 78 8.65 7.42 27.44
N LYS K 79 9.80 6.94 27.89
CA LYS K 79 9.98 6.55 29.28
C LYS K 79 11.46 6.58 29.60
N THR K 80 11.77 6.88 30.86
CA THR K 80 13.14 7.02 31.33
C THR K 80 13.63 5.75 32.00
N ASP K 81 14.93 5.50 31.89
CA ASP K 81 15.59 4.35 32.52
C ASP K 81 14.95 3.03 32.08
N LEU K 82 14.73 2.90 30.77
CA LEU K 82 14.18 1.68 30.21
C LEU K 82 15.30 0.66 29.98
N ARG K 83 15.08 -0.56 30.44
CA ARG K 83 15.95 -1.67 30.11
C ARG K 83 15.39 -2.43 28.91
N PHE K 84 16.27 -3.13 28.22
CA PHE K 84 15.91 -3.81 26.98
C PHE K 84 16.43 -5.24 27.02
N GLN K 85 15.56 -6.19 26.71
CA GLN K 85 16.02 -7.54 26.43
C GLN K 85 16.78 -7.56 25.10
N SER K 86 17.75 -8.47 25.01
CA SER K 86 18.53 -8.58 23.78
C SER K 86 17.65 -8.96 22.60
N SER K 87 16.70 -9.86 22.83
CA SER K 87 15.81 -10.28 21.75
C SER K 87 14.91 -9.14 21.28
N ALA K 88 14.60 -8.19 22.16
CA ALA K 88 13.80 -7.04 21.75
C ALA K 88 14.53 -6.21 20.70
N VAL K 89 15.80 -5.90 20.96
CA VAL K 89 16.61 -5.14 19.99
C VAL K 89 16.83 -5.97 18.74
N MET K 90 17.01 -7.28 18.89
CA MET K 90 17.20 -8.14 17.72
C MET K 90 15.98 -8.11 16.82
N ALA K 91 14.78 -8.23 17.40
CA ALA K 91 13.55 -8.17 16.64
C ALA K 91 13.35 -6.81 15.99
N LEU K 92 13.68 -5.74 16.73
CA LEU K 92 13.59 -4.40 16.15
C LEU K 92 14.48 -4.27 14.93
N GLN K 93 15.71 -4.79 15.01
CA GLN K 93 16.63 -4.70 13.88
C GLN K 93 16.13 -5.50 12.70
N GLU K 94 15.66 -6.73 12.94
CA GLU K 94 15.09 -7.54 11.87
C GLU K 94 13.96 -6.79 11.16
N ALA K 95 13.00 -6.28 11.93
CA ALA K 95 11.85 -5.62 11.34
C ALA K 95 12.25 -4.36 10.57
N SER K 96 13.16 -3.56 11.14
CA SER K 96 13.55 -2.32 10.47
C SER K 96 14.31 -2.60 9.18
N GLU K 97 15.17 -3.62 9.18
CA GLU K 97 15.90 -3.92 7.96
C GLU K 97 14.99 -4.50 6.89
N ALA K 98 14.02 -5.34 7.28
CA ALA K 98 13.06 -5.84 6.30
C ALA K 98 12.25 -4.70 5.69
N TYR K 99 11.80 -3.77 6.54
CA TYR K 99 11.05 -2.61 6.05
C TYR K 99 11.89 -1.78 5.09
N LEU K 100 13.16 -1.54 5.43
CA LEU K 100 14.01 -0.73 4.56
C LEU K 100 14.27 -1.43 3.23
N VAL K 101 14.49 -2.75 3.24
CA VAL K 101 14.72 -3.47 1.99
C VAL K 101 13.49 -3.40 1.09
N ALA K 102 12.30 -3.61 1.66
CA ALA K 102 11.10 -3.53 0.83
C ALA K 102 10.85 -2.13 0.30
N LEU K 103 11.13 -1.11 1.12
CA LEU K 103 10.98 0.27 0.65
C LEU K 103 11.98 0.58 -0.45
N PHE K 104 13.19 0.02 -0.37
CA PHE K 104 14.17 0.20 -1.43
C PHE K 104 13.74 -0.48 -2.72
N GLU K 105 13.10 -1.65 -2.63
CA GLU K 105 12.56 -2.28 -3.84
C GLU K 105 11.52 -1.39 -4.50
N ASP K 106 10.59 -0.85 -3.70
CA ASP K 106 9.58 0.05 -4.27
C ASP K 106 10.21 1.32 -4.84
N THR K 107 11.23 1.84 -4.16
CA THR K 107 11.95 3.02 -4.64
C THR K 107 12.63 2.75 -5.98
N ASN K 108 13.22 1.56 -6.12
CA ASN K 108 13.85 1.19 -7.39
C ASN K 108 12.83 1.10 -8.51
N LEU K 109 11.65 0.53 -8.22
CA LEU K 109 10.60 0.50 -9.22
C LEU K 109 10.18 1.91 -9.63
N CYS K 110 10.05 2.81 -8.64
CA CYS K 110 9.68 4.19 -8.95
C CYS K 110 10.74 4.88 -9.80
N ALA K 111 12.02 4.66 -9.49
CA ALA K 111 13.09 5.27 -10.27
C ALA K 111 13.10 4.73 -11.69
N ILE K 112 12.89 3.43 -11.86
CA ILE K 112 12.86 2.85 -13.21
C ILE K 112 11.68 3.39 -14.00
N HIS K 113 10.54 3.61 -13.34
CA HIS K 113 9.36 4.12 -14.04
C HIS K 113 9.63 5.44 -14.74
N ALA K 114 10.56 6.24 -14.21
CA ALA K 114 10.92 7.52 -14.80
C ALA K 114 12.11 7.43 -15.74
N LYS K 115 12.36 6.23 -16.30
CA LYS K 115 13.45 6.00 -17.26
C LYS K 115 14.81 6.31 -16.66
N ARG K 116 14.99 6.03 -15.38
CA ARG K 116 16.25 6.26 -14.69
C ARG K 116 16.76 4.96 -14.08
N VAL K 117 18.02 4.96 -13.68
CA VAL K 117 18.63 3.86 -12.93
C VAL K 117 19.11 4.30 -11.57
N THR K 118 18.98 5.58 -11.23
CA THR K 118 19.44 6.12 -9.96
C THR K 118 18.24 6.49 -9.09
N ILE K 119 18.24 6.02 -7.84
CA ILE K 119 17.17 6.35 -6.92
C ILE K 119 17.42 7.71 -6.29
N MET K 120 16.38 8.52 -6.20
CA MET K 120 16.43 9.86 -5.63
C MET K 120 15.38 9.98 -4.55
N PRO K 121 15.53 10.95 -3.64
CA PRO K 121 14.55 11.08 -2.54
C PRO K 121 13.11 11.22 -3.00
N LYS K 122 12.87 11.81 -4.17
CA LYS K 122 11.50 11.89 -4.67
C LYS K 122 10.93 10.50 -4.94
N ASP K 123 11.78 9.53 -5.28
CA ASP K 123 11.30 8.16 -5.47
C ASP K 123 10.84 7.56 -4.14
N ILE K 124 11.60 7.75 -3.08
CA ILE K 124 11.19 7.27 -1.76
C ILE K 124 9.91 7.95 -1.32
N GLN K 125 9.81 9.26 -1.56
CA GLN K 125 8.61 9.99 -1.18
C GLN K 125 7.39 9.47 -1.93
N LEU K 126 7.52 9.23 -3.23
CA LEU K 126 6.40 8.70 -4.00
C LEU K 126 6.03 7.30 -3.54
N ALA K 127 7.02 6.45 -3.26
CA ALA K 127 6.74 5.10 -2.81
C ALA K 127 5.99 5.12 -1.48
N ARG K 128 6.43 5.95 -0.53
CA ARG K 128 5.74 6.02 0.75
C ARG K 128 4.37 6.65 0.62
N ARG K 129 4.19 7.58 -0.31
CA ARG K 129 2.86 8.16 -0.53
C ARG K 129 1.90 7.11 -1.09
N ILE K 130 2.35 6.32 -2.06
CA ILE K 130 1.47 5.32 -2.65
C ILE K 130 1.20 4.18 -1.68
N ARG K 131 2.19 3.82 -0.86
CA ARG K 131 1.99 2.80 0.16
C ARG K 131 0.97 3.21 1.22
N GLY K 132 0.74 4.51 1.39
CA GLY K 132 -0.17 5.02 2.40
C GLY K 132 0.51 5.58 3.62
N GLU K 133 1.84 5.63 3.66
CA GLU K 133 2.54 6.14 4.83
C GLU K 133 2.48 7.67 4.90
N ARG K 134 2.53 8.35 3.76
CA ARG K 134 2.40 9.79 3.73
C ARG K 134 0.94 10.20 3.83
N M3L L 36 -17.16 34.83 -37.59
CA M3L L 36 -17.48 33.51 -38.10
CB M3L L 36 -17.57 33.51 -39.63
CG M3L L 36 -19.01 33.74 -40.09
CD M3L L 36 -19.70 32.43 -40.35
CE M3L L 36 -20.91 32.31 -39.43
NZ M3L L 36 -22.11 31.52 -39.95
C M3L L 36 -16.47 32.44 -37.71
O M3L L 36 -15.85 31.75 -38.52
CM1 M3L L 36 -21.67 30.32 -40.72
CM2 M3L L 36 -23.00 31.07 -38.85
CM3 M3L L 36 -22.89 32.41 -40.85
N LYS L 37 -16.31 32.29 -36.40
CA LYS L 37 -15.43 31.28 -35.84
C LYS L 37 -16.18 30.44 -34.81
N PRO L 38 -15.93 29.12 -34.83
CA PRO L 38 -16.72 28.22 -33.98
C PRO L 38 -16.53 28.44 -32.48
N HIS L 39 -15.47 29.14 -32.07
CA HIS L 39 -15.20 29.42 -30.66
C HIS L 39 -15.09 28.12 -29.84
N ARG L 40 -14.04 27.38 -30.14
CA ARG L 40 -13.70 26.20 -29.36
C ARG L 40 -12.67 26.56 -28.30
N TYR L 41 -12.71 25.84 -27.19
CA TYR L 41 -11.76 26.03 -26.11
C TYR L 41 -10.47 25.27 -26.39
N ARG L 42 -9.40 25.71 -25.75
CA ARG L 42 -8.11 25.06 -25.94
C ARG L 42 -8.10 23.70 -25.26
N PRO L 43 -7.35 22.74 -25.82
CA PRO L 43 -7.27 21.42 -25.18
C PRO L 43 -6.77 21.47 -23.75
N GLY L 44 -7.62 21.12 -22.80
CA GLY L 44 -7.23 21.03 -21.40
C GLY L 44 -7.99 21.93 -20.45
N THR L 45 -8.74 22.93 -20.93
CA THR L 45 -9.49 23.77 -20.03
C THR L 45 -10.85 23.18 -19.66
N VAL L 46 -11.51 22.52 -20.61
CA VAL L 46 -12.74 21.80 -20.29
C VAL L 46 -12.44 20.63 -19.36
N ALA L 47 -11.26 20.01 -19.52
CA ALA L 47 -10.87 18.93 -18.63
C ALA L 47 -10.73 19.42 -17.19
N LEU L 48 -10.10 20.58 -16.99
CA LEU L 48 -10.01 21.16 -15.66
C LEU L 48 -11.38 21.57 -15.15
N ARG L 49 -12.24 22.08 -16.04
CA ARG L 49 -13.58 22.48 -15.63
C ARG L 49 -14.36 21.29 -15.09
N GLU L 50 -14.29 20.13 -15.75
CA GLU L 50 -15.00 18.96 -15.25
C GLU L 50 -14.26 18.31 -14.08
N ILE L 51 -12.94 18.50 -13.96
CA ILE L 51 -12.26 18.09 -12.73
C ILE L 51 -12.85 18.83 -11.53
N ARG L 52 -13.03 20.14 -11.68
CA ARG L 52 -13.64 20.92 -10.60
C ARG L 52 -15.10 20.54 -10.40
N ARG L 53 -15.82 20.26 -11.49
CA ARG L 53 -17.21 19.88 -11.38
C ARG L 53 -17.39 18.58 -10.61
N TYR L 54 -16.55 17.58 -10.88
CA TYR L 54 -16.73 16.27 -10.29
C TYR L 54 -15.98 16.08 -8.96
N GLN L 55 -15.07 17.00 -8.62
CA GLN L 55 -14.48 16.99 -7.29
C GLN L 55 -15.32 17.74 -6.26
N LYS L 56 -16.46 18.30 -6.68
CA LYS L 56 -17.37 19.00 -5.80
C LYS L 56 -18.65 18.23 -5.50
N SER L 57 -19.16 17.49 -6.48
CA SER L 57 -20.37 16.70 -6.30
C SER L 57 -20.04 15.40 -5.56
N THR L 58 -21.09 14.69 -5.17
CA THR L 58 -20.96 13.43 -4.45
C THR L 58 -21.73 12.28 -5.08
N GLU L 59 -22.47 12.52 -6.15
CA GLU L 59 -23.34 11.48 -6.69
C GLU L 59 -22.51 10.38 -7.37
N LEU L 60 -23.19 9.28 -7.69
CA LEU L 60 -22.54 8.17 -8.36
C LEU L 60 -22.28 8.53 -9.82
N LEU L 61 -21.14 8.07 -10.33
CA LEU L 61 -20.71 8.41 -11.68
C LEU L 61 -20.97 7.31 -12.70
N ILE L 62 -21.24 6.09 -12.25
CA ILE L 62 -21.56 4.98 -13.13
C ILE L 62 -23.06 4.83 -13.23
N ARG L 63 -23.56 4.46 -14.40
CA ARG L 63 -24.98 4.13 -14.54
C ARG L 63 -25.32 2.95 -13.65
N LYS L 64 -26.56 2.92 -13.17
CA LYS L 64 -26.95 1.93 -12.16
C LYS L 64 -27.34 0.59 -12.76
N LEU L 65 -28.15 0.58 -13.82
CA LEU L 65 -28.53 -0.68 -14.43
C LEU L 65 -27.36 -1.47 -14.99
N PRO L 66 -26.41 -0.89 -15.74
CA PRO L 66 -25.25 -1.68 -16.18
C PRO L 66 -24.43 -2.25 -15.03
N PHE L 67 -24.23 -1.46 -13.96
CA PHE L 67 -23.47 -1.97 -12.83
C PHE L 67 -24.20 -3.09 -12.13
N GLN L 68 -25.53 -2.98 -12.01
CA GLN L 68 -26.32 -4.06 -11.42
C GLN L 68 -26.21 -5.32 -12.25
N ARG L 69 -26.30 -5.19 -13.57
CA ARG L 69 -26.18 -6.36 -14.43
C ARG L 69 -24.79 -6.99 -14.31
N LEU L 70 -23.74 -6.16 -14.22
CA LEU L 70 -22.40 -6.69 -14.06
C LEU L 70 -22.25 -7.43 -12.74
N VAL L 71 -22.79 -6.88 -11.66
CA VAL L 71 -22.72 -7.53 -10.35
C VAL L 71 -23.41 -8.89 -10.40
N ARG L 72 -24.61 -8.93 -10.99
CA ARG L 72 -25.34 -10.19 -11.07
C ARG L 72 -24.59 -11.21 -11.94
N GLU L 73 -24.02 -10.76 -13.06
CA GLU L 73 -23.28 -11.67 -13.92
C GLU L 73 -22.05 -12.23 -13.21
N ILE L 74 -21.35 -11.39 -12.44
CA ILE L 74 -20.20 -11.89 -11.70
C ILE L 74 -20.63 -12.89 -10.63
N ALA L 75 -21.71 -12.59 -9.91
CA ALA L 75 -22.18 -13.50 -8.87
C ALA L 75 -22.77 -14.78 -9.44
N GLN L 76 -23.13 -14.79 -10.73
CA GLN L 76 -23.66 -16.00 -11.35
C GLN L 76 -22.71 -17.17 -11.25
N ASP L 77 -21.40 -16.91 -11.19
CA ASP L 77 -20.40 -17.95 -11.18
C ASP L 77 -20.06 -18.46 -9.78
N PHE L 78 -20.72 -17.93 -8.74
CA PHE L 78 -20.50 -18.39 -7.38
C PHE L 78 -21.71 -19.09 -6.77
N LYS L 79 -22.92 -18.74 -7.21
CA LYS L 79 -24.14 -19.35 -6.73
C LYS L 79 -25.28 -18.99 -7.69
N THR L 80 -26.10 -19.98 -8.03
CA THR L 80 -27.17 -19.79 -8.99
C THR L 80 -28.44 -19.33 -8.28
N ASP L 81 -29.25 -18.55 -9.01
CA ASP L 81 -30.53 -18.05 -8.53
C ASP L 81 -30.37 -17.18 -7.28
N LEU L 82 -29.28 -16.42 -7.21
CA LEU L 82 -29.07 -15.50 -6.10
C LEU L 82 -30.00 -14.29 -6.21
N ARG L 83 -30.52 -13.85 -5.07
CA ARG L 83 -31.25 -12.60 -4.97
C ARG L 83 -30.36 -11.53 -4.34
N PHE L 84 -30.76 -10.27 -4.53
CA PHE L 84 -29.96 -9.14 -4.10
C PHE L 84 -30.85 -8.06 -3.54
N GLN L 85 -30.58 -7.62 -2.31
CA GLN L 85 -31.17 -6.39 -1.83
C GLN L 85 -30.63 -5.22 -2.62
N SER L 86 -31.44 -4.16 -2.74
CA SER L 86 -30.98 -2.98 -3.45
C SER L 86 -29.87 -2.26 -2.70
N SER L 87 -29.90 -2.31 -1.36
CA SER L 87 -28.85 -1.68 -0.58
C SER L 87 -27.51 -2.40 -0.71
N ALA L 88 -27.53 -3.71 -1.00
CA ALA L 88 -26.27 -4.41 -1.23
C ALA L 88 -25.61 -3.96 -2.53
N VAL L 89 -26.40 -3.79 -3.58
CA VAL L 89 -25.88 -3.27 -4.84
C VAL L 89 -25.42 -1.84 -4.67
N MET L 90 -26.15 -1.05 -3.87
CA MET L 90 -25.74 0.32 -3.59
C MET L 90 -24.39 0.37 -2.88
N ALA L 91 -24.22 -0.48 -1.87
CA ALA L 91 -22.94 -0.53 -1.15
C ALA L 91 -21.81 -0.98 -2.07
N LEU L 92 -22.08 -1.98 -2.91
CA LEU L 92 -21.07 -2.42 -3.87
C LEU L 92 -20.65 -1.29 -4.80
N GLN L 93 -21.62 -0.52 -5.30
CA GLN L 93 -21.29 0.57 -6.22
C GLN L 93 -20.51 1.66 -5.51
N GLU L 94 -20.91 2.02 -4.29
CA GLU L 94 -20.18 3.04 -3.54
C GLU L 94 -18.74 2.62 -3.32
N ALA L 95 -18.53 1.37 -2.86
CA ALA L 95 -17.18 0.90 -2.61
C ALA L 95 -16.35 0.82 -3.89
N SER L 96 -16.96 0.37 -4.99
CA SER L 96 -16.22 0.25 -6.24
C SER L 96 -15.80 1.61 -6.78
N GLU L 97 -16.70 2.60 -6.70
CA GLU L 97 -16.33 3.92 -7.21
C GLU L 97 -15.31 4.61 -6.31
N ALA L 98 -15.41 4.42 -4.99
CA ALA L 98 -14.37 4.96 -4.11
C ALA L 98 -13.01 4.34 -4.43
N TYR L 99 -13.00 3.02 -4.62
CA TYR L 99 -11.76 2.32 -4.98
C TYR L 99 -11.18 2.85 -6.29
N LEU L 100 -12.02 3.01 -7.31
CA LEU L 100 -11.52 3.43 -8.61
C LEU L 100 -11.03 4.87 -8.58
N VAL L 101 -11.72 5.74 -7.84
CA VAL L 101 -11.26 7.13 -7.72
C VAL L 101 -9.92 7.19 -7.00
N ALA L 102 -9.76 6.41 -5.92
CA ALA L 102 -8.47 6.40 -5.23
C ALA L 102 -7.35 5.85 -6.11
N LEU L 103 -7.66 4.81 -6.90
CA LEU L 103 -6.66 4.25 -7.79
C LEU L 103 -6.26 5.26 -8.86
N PHE L 104 -7.21 6.04 -9.38
CA PHE L 104 -6.87 7.09 -10.33
C PHE L 104 -6.04 8.19 -9.67
N GLU L 105 -6.32 8.50 -8.40
CA GLU L 105 -5.48 9.48 -7.70
C GLU L 105 -4.05 9.00 -7.57
N ASP L 106 -3.84 7.70 -7.36
CA ASP L 106 -2.47 7.19 -7.32
C ASP L 106 -1.84 7.12 -8.71
N THR L 107 -2.64 6.74 -9.71
CA THR L 107 -2.16 6.67 -11.08
C THR L 107 -1.70 8.03 -11.58
N ASN L 108 -2.39 9.10 -11.18
CA ASN L 108 -1.99 10.43 -11.60
C ASN L 108 -0.64 10.82 -11.04
N LEU L 109 -0.38 10.50 -9.77
CA LEU L 109 0.94 10.73 -9.19
C LEU L 109 2.00 9.91 -9.93
N CYS L 110 1.69 8.64 -10.24
CA CYS L 110 2.65 7.81 -10.96
C CYS L 110 2.96 8.39 -12.33
N ALA L 111 1.96 8.93 -13.02
CA ALA L 111 2.19 9.52 -14.34
C ALA L 111 2.98 10.81 -14.24
N ILE L 112 2.66 11.66 -13.26
CA ILE L 112 3.41 12.90 -13.08
C ILE L 112 4.85 12.63 -12.72
N HIS L 113 5.11 11.52 -12.02
CA HIS L 113 6.48 11.16 -11.66
C HIS L 113 7.33 10.96 -12.91
N ALA L 114 6.77 10.34 -13.95
CA ALA L 114 7.45 10.16 -15.22
C ALA L 114 7.51 11.42 -16.05
N LYS L 115 7.19 12.57 -15.45
CA LYS L 115 7.19 13.87 -16.11
C LYS L 115 6.22 13.90 -17.28
N ARG L 116 5.11 13.18 -17.16
CA ARG L 116 4.05 13.19 -18.14
C ARG L 116 2.81 13.84 -17.56
N VAL L 117 1.83 14.09 -18.44
CA VAL L 117 0.52 14.57 -18.04
C VAL L 117 -0.58 13.57 -18.34
N THR L 118 -0.33 12.63 -19.25
CA THR L 118 -1.30 11.60 -19.61
C THR L 118 -1.03 10.35 -18.79
N ILE L 119 -2.11 9.77 -18.25
CA ILE L 119 -2.01 8.51 -17.51
C ILE L 119 -2.04 7.36 -18.51
N MET L 120 -1.27 6.33 -18.23
CA MET L 120 -1.10 5.18 -19.10
C MET L 120 -1.26 3.90 -18.29
N PRO L 121 -1.55 2.77 -18.96
CA PRO L 121 -1.75 1.52 -18.21
C PRO L 121 -0.58 1.13 -17.32
N LYS L 122 0.66 1.44 -17.72
CA LYS L 122 1.80 1.12 -16.87
C LYS L 122 1.76 1.91 -15.57
N ASP L 123 1.19 3.12 -15.58
CA ASP L 123 1.00 3.87 -14.34
C ASP L 123 0.07 3.12 -13.40
N ILE L 124 -1.05 2.62 -13.94
CA ILE L 124 -1.98 1.83 -13.13
C ILE L 124 -1.31 0.59 -12.58
N GLN L 125 -0.52 -0.10 -13.41
CA GLN L 125 0.14 -1.32 -12.97
C GLN L 125 1.14 -1.01 -11.86
N LEU L 126 1.93 0.04 -12.01
CA LEU L 126 2.88 0.41 -10.97
C LEU L 126 2.18 0.80 -9.68
N ALA L 127 1.08 1.55 -9.78
CA ALA L 127 0.33 1.95 -8.59
C ALA L 127 -0.19 0.71 -7.85
N ARG L 128 -0.83 -0.20 -8.59
CA ARG L 128 -1.39 -1.38 -7.96
C ARG L 128 -0.31 -2.30 -7.41
N ARG L 129 0.87 -2.31 -8.03
CA ARG L 129 1.97 -3.13 -7.52
C ARG L 129 2.55 -2.53 -6.24
N ILE L 130 2.70 -1.21 -6.18
CA ILE L 130 3.24 -0.58 -4.98
C ILE L 130 2.24 -0.66 -3.83
N ARG L 131 0.95 -0.54 -4.13
CA ARG L 131 -0.07 -0.73 -3.10
C ARG L 131 0.05 -2.10 -2.44
N GLY L 132 0.27 -3.14 -3.24
CA GLY L 132 0.39 -4.49 -2.73
C GLY L 132 -0.50 -5.47 -3.45
N GLU L 133 -1.35 -4.94 -4.35
CA GLU L 133 -2.29 -5.77 -5.09
C GLU L 133 -1.64 -6.59 -6.18
N ARG L 134 -0.39 -6.31 -6.54
CA ARG L 134 0.32 -7.10 -7.54
C ARG L 134 1.64 -7.63 -6.95
#